data_6RA2
#
_entry.id   6RA2
#
_cell.length_a   96.816
_cell.length_b   96.816
_cell.length_c   189.837
_cell.angle_alpha   90.00
_cell.angle_beta   90.00
_cell.angle_gamma   90.00
#
_symmetry.space_group_name_H-M   'P 43 21 2'
#
loop_
_entity.id
_entity.type
_entity.pdbx_description
1 polymer 'Putative dioxygenase (1H-3-hydroxy-4-oxoquinaldine 2,4-dioxygenase)'
2 water water
#
_entity_poly.entity_id   1
_entity_poly.type   'polypeptide(L)'
_entity_poly.pdbx_seq_one_letter_code
;MITTKTVNGVQIAFDDQGHEPGPVFVTLSGWAHDLRAYDGMLPYLRAAQRTVRVCWRGHGPDRNLVGDFGIDEMAADTIG
LLDALEVDSFVPIAHAHGGWAALEIADRLGAQRVPAVMILDLIMTPAPREFVAALHGIQDPERWKEGRDGLVQSWLAGTT
NQAVLDHVRYDSGGHGFDMWARAGRVIDEAYRTWGSPMRRMEALAEPCAIRHVFSHPKIGEYDALHDDFAARHPWFSYRR
LGGETHFPGIELPQQVAAEAIDLLAGARI
;
_entity_poly.pdbx_strand_id   A,F,E
#
# COMPACT_ATOMS: atom_id res chain seq x y z
N ILE A 2 4.00 -3.61 -1.17
CA ILE A 2 3.39 -4.95 -1.27
C ILE A 2 2.92 -5.29 -2.68
N THR A 3 3.38 -6.42 -3.18
CA THR A 3 3.05 -6.91 -4.50
C THR A 3 2.19 -8.18 -4.38
N THR A 4 1.52 -8.53 -5.48
CA THR A 4 0.72 -9.75 -5.54
C THR A 4 0.97 -10.50 -6.83
N LYS A 5 0.75 -11.80 -6.77
CA LYS A 5 0.61 -12.63 -7.96
C LYS A 5 -0.59 -13.56 -7.79
N THR A 6 -1.13 -14.00 -8.92
CA THR A 6 -2.08 -15.09 -8.99
C THR A 6 -1.30 -16.42 -9.05
N VAL A 7 -1.42 -17.23 -8.00
CA VAL A 7 -0.81 -18.56 -7.93
C VAL A 7 -1.92 -19.57 -7.65
N ASN A 8 -1.97 -20.64 -8.45
CA ASN A 8 -3.03 -21.65 -8.33
C ASN A 8 -4.42 -21.00 -8.37
N GLY A 9 -4.58 -19.96 -9.20
CA GLY A 9 -5.87 -19.28 -9.30
C GLY A 9 -6.28 -18.40 -8.13
N VAL A 10 -5.39 -18.13 -7.17
CA VAL A 10 -5.71 -17.30 -6.02
C VAL A 10 -4.64 -16.24 -5.87
N GLN A 11 -4.95 -15.22 -5.09
CA GLN A 11 -4.11 -14.03 -4.99
C GLN A 11 -3.16 -14.17 -3.80
N ILE A 12 -1.86 -14.21 -4.11
CA ILE A 12 -0.81 -14.33 -3.09
C ILE A 12 -0.09 -12.98 -3.02
N ALA A 13 -0.21 -12.31 -1.87
CA ALA A 13 0.60 -11.14 -1.60
C ALA A 13 1.97 -11.53 -1.03
N PHE A 14 2.97 -10.73 -1.33
CA PHE A 14 4.34 -11.05 -0.94
C PHE A 14 5.19 -9.79 -0.99
N ASP A 15 6.43 -9.97 -0.55
CA ASP A 15 7.48 -8.97 -0.44
C ASP A 15 8.79 -9.59 -0.92
N ASP A 16 9.54 -8.87 -1.75
CA ASP A 16 10.81 -9.38 -2.31
C ASP A 16 11.89 -8.32 -2.13
N GLN A 17 12.84 -8.58 -1.22
CA GLN A 17 13.88 -7.62 -0.86
C GLN A 17 15.23 -8.33 -0.75
N GLY A 18 16.28 -7.70 -1.28
CA GLY A 18 17.64 -8.17 -1.14
C GLY A 18 18.14 -8.90 -2.37
N HIS A 19 19.48 -8.89 -2.55
CA HIS A 19 20.09 -9.53 -3.70
C HIS A 19 21.35 -10.33 -3.36
N GLU A 20 21.70 -10.50 -2.09
CA GLU A 20 22.84 -11.32 -1.74
C GLU A 20 22.67 -12.73 -2.33
N PRO A 21 23.76 -13.38 -2.74
CA PRO A 21 23.63 -14.74 -3.28
C PRO A 21 23.58 -15.77 -2.17
N GLY A 22 23.14 -16.97 -2.55
CA GLY A 22 22.90 -18.02 -1.59
C GLY A 22 21.42 -18.31 -1.44
N PRO A 23 21.07 -19.12 -0.44
CA PRO A 23 19.65 -19.46 -0.23
C PRO A 23 18.84 -18.25 0.19
N VAL A 24 17.60 -18.23 -0.27
CA VAL A 24 16.67 -17.15 0.02
C VAL A 24 15.97 -17.47 1.34
N PHE A 25 15.87 -16.47 2.22
CA PHE A 25 14.93 -16.58 3.33
C PHE A 25 13.51 -16.40 2.79
N VAL A 26 12.61 -17.29 3.20
CA VAL A 26 11.20 -17.20 2.85
C VAL A 26 10.42 -17.23 4.16
N THR A 27 9.78 -16.12 4.51
CA THR A 27 9.06 -16.03 5.76
C THR A 27 7.61 -16.46 5.53
N LEU A 28 7.10 -17.26 6.47
CA LEU A 28 5.72 -17.74 6.46
C LEU A 28 5.13 -17.43 7.82
N SER A 29 4.00 -16.73 7.82
CA SER A 29 3.37 -16.39 9.08
C SER A 29 2.45 -17.53 9.53
N GLY A 30 1.84 -17.36 10.70
CA GLY A 30 0.79 -18.24 11.15
C GLY A 30 -0.58 -17.77 10.68
N TRP A 31 -1.61 -18.35 11.29
CA TRP A 31 -2.97 -18.09 10.85
C TRP A 31 -3.45 -16.71 11.30
N ALA A 32 -4.17 -16.02 10.40
CA ALA A 32 -4.84 -14.75 10.68
C ALA A 32 -3.86 -13.59 10.84
N HIS A 33 -2.65 -13.68 10.29
CA HIS A 33 -1.78 -12.50 10.23
C HIS A 33 -0.93 -12.63 8.98
N ASP A 34 -0.29 -11.51 8.62
CA ASP A 34 0.38 -11.42 7.32
C ASP A 34 1.88 -11.18 7.46
N LEU A 35 2.51 -10.69 6.39
CA LEU A 35 3.97 -10.58 6.40
C LEU A 35 4.48 -9.53 7.38
N ARG A 36 3.60 -8.69 7.93
CA ARG A 36 4.03 -7.74 8.96
C ARG A 36 4.48 -8.42 10.24
N ALA A 37 4.17 -9.72 10.43
CA ALA A 37 4.74 -10.46 11.54
C ALA A 37 6.26 -10.44 11.50
N TYR A 38 6.84 -10.17 10.34
CA TYR A 38 8.28 -10.20 10.11
C TYR A 38 8.87 -8.82 9.89
N ASP A 39 8.13 -7.75 10.18
CA ASP A 39 8.68 -6.40 10.05
C ASP A 39 9.91 -6.23 10.94
N GLY A 40 9.89 -6.80 12.15
CA GLY A 40 11.01 -6.65 13.06
C GLY A 40 12.26 -7.36 12.57
N MET A 41 12.11 -8.59 12.08
CA MET A 41 13.26 -9.39 11.66
C MET A 41 13.80 -8.90 10.31
N LEU A 42 12.95 -8.29 9.50
CA LEU A 42 13.29 -8.05 8.09
C LEU A 42 14.57 -7.25 7.85
N PRO A 43 14.88 -6.17 8.57
CA PRO A 43 16.16 -5.48 8.29
C PRO A 43 17.36 -6.40 8.37
N TYR A 44 17.37 -7.31 9.36
CA TYR A 44 18.48 -8.24 9.53
C TYR A 44 18.45 -9.33 8.47
N LEU A 45 17.27 -9.81 8.11
CA LEU A 45 17.21 -10.87 7.09
C LEU A 45 17.65 -10.36 5.73
N ARG A 46 17.15 -9.19 5.32
CA ARG A 46 17.46 -8.70 3.98
C ARG A 46 18.91 -8.24 3.86
N ALA A 47 19.52 -7.83 4.98
CA ALA A 47 20.95 -7.56 4.98
C ALA A 47 21.76 -8.82 4.74
N ALA A 48 21.19 -10.00 5.04
CA ALA A 48 21.90 -11.27 4.95
C ALA A 48 21.67 -11.97 3.62
N GLN A 49 20.41 -12.02 3.16
CA GLN A 49 20.05 -12.82 1.99
C GLN A 49 18.88 -12.15 1.27
N ARG A 50 18.67 -12.53 0.03
CA ARG A 50 17.38 -12.23 -0.58
C ARG A 50 16.29 -12.83 0.31
N THR A 51 15.29 -12.00 0.64
CA THR A 51 14.24 -12.34 1.58
C THR A 51 12.89 -12.12 0.91
N VAL A 52 12.07 -13.17 0.91
CA VAL A 52 10.73 -13.14 0.34
C VAL A 52 9.76 -13.41 1.47
N ARG A 53 8.99 -12.41 1.87
CA ARG A 53 7.92 -12.57 2.84
C ARG A 53 6.63 -12.96 2.12
N VAL A 54 6.00 -14.04 2.54
CA VAL A 54 4.88 -14.63 1.82
C VAL A 54 3.65 -14.59 2.72
N CYS A 55 2.52 -14.13 2.17
CA CYS A 55 1.23 -14.21 2.83
C CYS A 55 0.50 -15.46 2.37
N TRP A 56 -0.37 -15.97 3.24
CA TRP A 56 -1.24 -17.05 2.80
C TRP A 56 -2.37 -16.51 1.92
N ARG A 57 -2.94 -17.38 1.10
CA ARG A 57 -4.17 -17.06 0.41
C ARG A 57 -5.23 -16.59 1.41
N GLY A 58 -6.02 -15.58 1.01
CA GLY A 58 -7.03 -15.01 1.87
C GLY A 58 -6.52 -14.07 2.95
N HIS A 59 -5.19 -13.91 3.05
CA HIS A 59 -4.58 -13.08 4.08
C HIS A 59 -4.00 -11.77 3.52
N GLY A 60 -4.00 -11.59 2.21
CA GLY A 60 -3.46 -10.39 1.62
C GLY A 60 -4.37 -9.21 1.82
N PRO A 61 -4.14 -8.13 1.06
CA PRO A 61 -5.03 -6.95 1.18
C PRO A 61 -6.48 -7.28 0.83
N ASP A 62 -6.70 -8.21 -0.09
CA ASP A 62 -8.03 -8.66 -0.48
C ASP A 62 -8.59 -9.56 0.62
N ARG A 63 -9.54 -9.06 1.41
CA ARG A 63 -10.08 -9.84 2.51
C ARG A 63 -11.44 -10.47 2.21
N ASN A 64 -11.78 -10.64 0.93
CA ASN A 64 -12.94 -11.44 0.59
C ASN A 64 -12.72 -12.86 1.09
N LEU A 65 -13.82 -13.53 1.42
CA LEU A 65 -13.70 -14.92 1.83
C LEU A 65 -13.34 -15.77 0.63
N VAL A 66 -12.43 -16.71 0.84
CA VAL A 66 -11.91 -17.55 -0.24
C VAL A 66 -12.47 -18.97 -0.06
N GLY A 67 -12.27 -19.79 -1.10
CA GLY A 67 -12.59 -21.18 -0.97
C GLY A 67 -11.82 -21.83 0.17
N ASP A 68 -12.42 -22.88 0.74
CA ASP A 68 -11.78 -23.58 1.86
C ASP A 68 -10.46 -24.18 1.41
N PHE A 69 -9.47 -24.11 2.30
CA PHE A 69 -8.11 -24.53 2.02
C PHE A 69 -7.44 -24.93 3.32
N GLY A 70 -6.34 -25.64 3.20
CA GLY A 70 -5.48 -25.97 4.34
C GLY A 70 -4.01 -26.10 3.96
N ILE A 71 -3.32 -27.01 4.66
CA ILE A 71 -1.86 -27.05 4.62
C ILE A 71 -1.36 -27.39 3.20
N ASP A 72 -2.04 -28.29 2.50
CA ASP A 72 -1.62 -28.64 1.14
C ASP A 72 -1.64 -27.42 0.21
N GLU A 73 -2.61 -26.51 0.40
CA GLU A 73 -2.72 -25.33 -0.47
C GLU A 73 -1.69 -24.27 -0.07
N MET A 74 -1.54 -24.01 1.22
CA MET A 74 -0.48 -23.12 1.69
C MET A 74 0.86 -23.51 1.07
N ALA A 75 1.19 -24.80 1.09
CA ALA A 75 2.45 -25.25 0.51
C ALA A 75 2.49 -25.04 -0.99
N ALA A 76 1.45 -25.47 -1.71
CA ALA A 76 1.47 -25.38 -3.17
C ALA A 76 1.49 -23.92 -3.65
N ASP A 77 0.81 -23.05 -2.90
CA ASP A 77 0.81 -21.62 -3.25
C ASP A 77 2.22 -21.03 -3.13
N THR A 78 2.86 -21.20 -1.97
CA THR A 78 4.17 -20.59 -1.78
C THR A 78 5.20 -21.19 -2.71
N ILE A 79 5.12 -22.50 -2.99
CA ILE A 79 6.02 -23.11 -3.96
C ILE A 79 5.81 -22.51 -5.33
N GLY A 80 4.55 -22.46 -5.78
CA GLY A 80 4.25 -21.82 -7.04
C GLY A 80 4.70 -20.38 -7.12
N LEU A 81 4.65 -19.67 -5.99
CA LEU A 81 5.17 -18.31 -5.94
C LEU A 81 6.69 -18.29 -6.10
N LEU A 82 7.38 -19.17 -5.36
CA LEU A 82 8.84 -19.16 -5.45
C LEU A 82 9.31 -19.60 -6.83
N ASP A 83 8.59 -20.53 -7.48
CA ASP A 83 8.91 -20.88 -8.86
C ASP A 83 8.72 -19.70 -9.80
N ALA A 84 7.67 -18.91 -9.58
CA ALA A 84 7.43 -17.74 -10.41
C ALA A 84 8.53 -16.68 -10.20
N LEU A 85 8.99 -16.51 -8.97
CA LEU A 85 10.05 -15.56 -8.64
C LEU A 85 11.46 -16.10 -8.96
N GLU A 86 11.54 -17.26 -9.62
CA GLU A 86 12.81 -17.95 -9.90
C GLU A 86 13.72 -17.98 -8.68
N VAL A 87 13.14 -18.26 -7.52
CA VAL A 87 13.91 -18.57 -6.33
C VAL A 87 14.35 -20.02 -6.43
N ASP A 88 15.65 -20.26 -6.27
CA ASP A 88 16.12 -21.65 -6.31
C ASP A 88 16.05 -22.26 -4.91
N SER A 89 17.19 -22.37 -4.25
CA SER A 89 17.22 -22.93 -2.90
C SER A 89 16.80 -21.86 -1.90
N PHE A 90 16.09 -22.29 -0.86
CA PHE A 90 15.57 -21.32 0.10
C PHE A 90 15.37 -21.99 1.45
N VAL A 91 15.15 -21.16 2.45
CA VAL A 91 15.05 -21.55 3.84
C VAL A 91 13.75 -20.97 4.37
N PRO A 92 12.72 -21.77 4.60
CA PRO A 92 11.51 -21.22 5.22
C PRO A 92 11.76 -20.85 6.67
N ILE A 93 11.21 -19.71 7.07
CA ILE A 93 11.04 -19.33 8.47
C ILE A 93 9.54 -19.22 8.72
N ALA A 94 8.99 -20.12 9.54
CA ALA A 94 7.55 -20.25 9.75
C ALA A 94 7.19 -20.01 11.20
N HIS A 95 6.16 -19.21 11.43
CA HIS A 95 5.67 -18.96 12.79
C HIS A 95 4.58 -19.96 13.17
N ALA A 96 4.67 -20.45 14.40
CA ALA A 96 3.76 -21.46 14.97
C ALA A 96 3.26 -22.44 13.92
N HIS A 97 1.96 -22.43 13.64
CA HIS A 97 1.41 -23.48 12.79
C HIS A 97 1.62 -23.25 11.30
N GLY A 98 2.27 -22.15 10.91
CA GLY A 98 2.84 -22.10 9.57
C GLY A 98 3.90 -23.17 9.36
N GLY A 99 4.50 -23.67 10.45
CA GLY A 99 5.51 -24.71 10.34
C GLY A 99 5.00 -25.99 9.71
N TRP A 100 3.70 -26.27 9.85
CA TRP A 100 3.11 -27.43 9.17
C TRP A 100 3.27 -27.29 7.65
N ALA A 101 3.02 -26.09 7.12
CA ALA A 101 3.23 -25.86 5.70
C ALA A 101 4.71 -25.80 5.35
N ALA A 102 5.51 -25.19 6.23
CA ALA A 102 6.97 -25.20 6.02
C ALA A 102 7.49 -26.62 5.87
N LEU A 103 7.01 -27.55 6.71
CA LEU A 103 7.46 -28.94 6.62
C LEU A 103 6.92 -29.60 5.37
N GLU A 104 5.67 -29.32 5.02
CA GLU A 104 5.13 -29.88 3.79
C GLU A 104 5.95 -29.41 2.58
N ILE A 105 6.36 -28.13 2.60
CA ILE A 105 7.20 -27.59 1.54
C ILE A 105 8.56 -28.28 1.53
N ALA A 106 9.17 -28.45 2.71
CA ALA A 106 10.45 -29.16 2.78
C ALA A 106 10.32 -30.56 2.23
N ASP A 107 9.23 -31.24 2.59
CA ASP A 107 9.03 -32.61 2.15
C ASP A 107 8.82 -32.72 0.65
N ARG A 108 8.22 -31.71 0.03
CA ARG A 108 7.89 -31.81 -1.39
C ARG A 108 9.09 -31.58 -2.30
N LEU A 109 10.02 -30.72 -1.91
CA LEU A 109 11.04 -30.25 -2.84
C LEU A 109 12.40 -30.89 -2.63
N GLY A 110 12.67 -31.39 -1.44
CA GLY A 110 13.91 -32.09 -1.15
C GLY A 110 14.91 -31.23 -0.39
N ALA A 111 15.96 -31.90 0.08
CA ALA A 111 16.95 -31.26 0.93
C ALA A 111 17.87 -30.30 0.17
N GLN A 112 18.04 -30.49 -1.15
CA GLN A 112 18.89 -29.59 -1.91
C GLN A 112 18.17 -28.30 -2.28
N ARG A 113 16.88 -28.39 -2.65
CA ARG A 113 16.13 -27.18 -2.94
C ARG A 113 15.73 -26.45 -1.65
N VAL A 114 15.41 -27.20 -0.60
CA VAL A 114 15.19 -26.62 0.72
C VAL A 114 16.18 -27.28 1.68
N PRO A 115 17.30 -26.61 1.97
CA PRO A 115 18.33 -27.21 2.84
C PRO A 115 18.08 -27.01 4.32
N ALA A 116 17.21 -26.09 4.70
CA ALA A 116 16.96 -25.86 6.11
C ALA A 116 15.55 -25.30 6.29
N VAL A 117 15.07 -25.40 7.53
CA VAL A 117 13.79 -24.84 7.95
C VAL A 117 13.93 -24.39 9.39
N MET A 118 13.50 -23.16 9.68
CA MET A 118 13.37 -22.71 11.05
C MET A 118 11.88 -22.63 11.43
N ILE A 119 11.55 -23.09 12.62
CA ILE A 119 10.19 -23.06 13.13
C ILE A 119 10.18 -22.26 14.43
N LEU A 120 9.16 -21.43 14.61
CA LEU A 120 9.04 -20.52 15.74
C LEU A 120 7.81 -20.90 16.56
N ASP A 121 8.03 -21.37 17.79
CA ASP A 121 6.99 -21.51 18.80
C ASP A 121 5.82 -22.37 18.33
N LEU A 122 6.16 -23.61 17.96
CA LEU A 122 5.19 -24.60 17.51
C LEU A 122 5.13 -25.76 18.51
N ILE A 123 3.93 -26.05 19.02
CA ILE A 123 3.68 -27.10 20.02
C ILE A 123 4.21 -28.44 19.50
N MET A 124 5.25 -28.98 20.15
CA MET A 124 5.94 -30.16 19.61
C MET A 124 5.37 -31.47 20.11
N THR A 125 4.74 -31.48 21.28
CA THR A 125 4.00 -32.63 21.80
C THR A 125 2.73 -32.86 20.97
N PRO A 126 2.05 -33.99 21.20
CA PRO A 126 0.65 -34.09 20.75
C PRO A 126 -0.19 -32.96 21.34
N ALA A 127 -1.30 -32.68 20.68
CA ALA A 127 -2.09 -31.51 21.04
C ALA A 127 -2.68 -31.67 22.43
N PRO A 128 -2.38 -30.79 23.37
CA PRO A 128 -3.08 -30.82 24.65
C PRO A 128 -4.58 -30.71 24.44
N ARG A 129 -5.35 -31.28 25.39
CA ARG A 129 -6.80 -31.27 25.24
C ARG A 129 -7.38 -29.88 25.46
N GLU A 130 -6.73 -29.05 26.28
CA GLU A 130 -7.15 -27.65 26.37
C GLU A 130 -7.02 -26.96 25.02
N PHE A 131 -5.91 -27.21 24.33
CA PHE A 131 -5.70 -26.66 22.99
C PHE A 131 -6.81 -27.10 22.05
N VAL A 132 -7.03 -28.42 21.92
CA VAL A 132 -8.09 -28.92 21.05
C VAL A 132 -9.43 -28.30 21.41
N ALA A 133 -9.69 -28.07 22.70
CA ALA A 133 -10.92 -27.40 23.12
C ALA A 133 -11.03 -26.00 22.52
N ALA A 134 -9.94 -25.24 22.51
CA ALA A 134 -9.97 -23.91 21.91
C ALA A 134 -10.08 -24.00 20.39
N LEU A 135 -9.42 -24.99 19.76
CA LEU A 135 -9.55 -25.19 18.33
C LEU A 135 -10.99 -25.48 17.90
N HIS A 136 -11.82 -25.97 18.81
CA HIS A 136 -13.25 -26.13 18.54
C HIS A 136 -14.05 -24.89 18.90
N GLY A 137 -13.60 -24.12 19.91
CA GLY A 137 -14.32 -22.92 20.30
C GLY A 137 -14.25 -21.82 19.25
N ILE A 138 -13.11 -21.71 18.55
CA ILE A 138 -13.03 -20.73 17.47
C ILE A 138 -13.79 -21.18 16.22
N GLN A 139 -14.18 -22.46 16.15
CA GLN A 139 -15.11 -22.92 15.11
C GLN A 139 -16.56 -22.71 15.50
N ASP A 140 -16.82 -22.10 16.66
CA ASP A 140 -18.16 -21.91 17.17
C ASP A 140 -18.69 -20.57 16.68
N PRO A 141 -19.66 -20.54 15.76
CA PRO A 141 -20.17 -19.25 15.27
C PRO A 141 -20.50 -18.25 16.37
N GLU A 142 -21.02 -18.74 17.50
CA GLU A 142 -21.53 -17.86 18.54
C GLU A 142 -20.45 -17.37 19.49
N ARG A 143 -19.32 -18.07 19.59
CA ARG A 143 -18.35 -17.70 20.61
C ARG A 143 -16.91 -17.77 20.09
N TRP A 144 -16.72 -17.68 18.78
CA TRP A 144 -15.37 -17.72 18.24
C TRP A 144 -14.51 -16.58 18.78
N LYS A 145 -15.13 -15.43 19.04
CA LYS A 145 -14.37 -14.29 19.58
C LYS A 145 -13.83 -14.61 20.97
N GLU A 146 -14.64 -15.27 21.80
CA GLU A 146 -14.19 -15.76 23.10
C GLU A 146 -12.94 -16.61 22.97
N GLY A 147 -13.02 -17.65 22.13
CA GLY A 147 -11.86 -18.49 21.89
C GLY A 147 -10.61 -17.68 21.55
N ARG A 148 -10.74 -16.75 20.60
CA ARG A 148 -9.58 -15.97 20.16
C ARG A 148 -8.98 -15.17 21.31
N ASP A 149 -9.82 -14.42 22.04
CA ASP A 149 -9.31 -13.63 23.17
C ASP A 149 -8.59 -14.51 24.19
N GLY A 150 -9.08 -15.73 24.39
CA GLY A 150 -8.44 -16.64 25.33
C GLY A 150 -7.13 -17.20 24.81
N LEU A 151 -7.08 -17.55 23.52
CA LEU A 151 -5.80 -17.89 22.91
C LEU A 151 -4.83 -16.72 22.98
N VAL A 152 -5.30 -15.53 22.57
CA VAL A 152 -4.45 -14.34 22.54
C VAL A 152 -3.88 -14.04 23.93
N GLN A 153 -4.73 -14.08 24.96
CA GLN A 153 -4.29 -13.72 26.30
C GLN A 153 -3.17 -14.64 26.78
N SER A 154 -3.26 -15.95 26.46
CA SER A 154 -2.19 -16.86 26.83
C SER A 154 -0.95 -16.68 25.94
N TRP A 155 -1.14 -16.21 24.70
CA TRP A 155 -0.02 -15.90 23.83
C TRP A 155 0.77 -14.71 24.37
N LEU A 156 0.07 -13.70 24.89
CA LEU A 156 0.73 -12.54 25.46
C LEU A 156 1.45 -12.89 26.75
N ALA A 157 0.78 -13.63 27.65
CA ALA A 157 1.34 -13.99 28.94
C ALA A 157 1.77 -12.76 29.74
N GLY A 158 0.94 -11.73 29.73
CA GLY A 158 1.24 -10.54 30.50
C GLY A 158 2.43 -9.73 30.01
N THR A 159 2.76 -9.82 28.72
CA THR A 159 3.94 -9.14 28.19
C THR A 159 3.76 -7.62 28.17
N THR A 160 4.89 -6.91 28.17
CA THR A 160 4.94 -5.47 28.01
C THR A 160 5.66 -5.07 26.72
N ASN A 161 6.10 -6.05 25.93
CA ASN A 161 6.78 -5.75 24.68
C ASN A 161 5.84 -5.04 23.72
N GLN A 162 6.19 -3.79 23.37
CA GLN A 162 5.29 -2.96 22.57
C GLN A 162 5.06 -3.53 21.18
N ALA A 163 6.10 -4.11 20.57
CA ALA A 163 5.94 -4.66 19.21
C ALA A 163 4.94 -5.81 19.20
N VAL A 164 5.01 -6.70 20.19
CA VAL A 164 4.08 -7.82 20.25
C VAL A 164 2.68 -7.34 20.60
N LEU A 165 2.59 -6.32 21.46
CA LEU A 165 1.29 -5.76 21.82
C LEU A 165 0.63 -5.10 20.61
N ASP A 166 1.39 -4.29 19.88
CA ASP A 166 0.85 -3.60 18.71
C ASP A 166 0.47 -4.58 17.61
N HIS A 167 1.25 -5.65 17.46
CA HIS A 167 0.97 -6.61 16.40
C HIS A 167 -0.34 -7.34 16.65
N VAL A 168 -0.61 -7.70 17.90
CA VAL A 168 -1.80 -8.46 18.24
C VAL A 168 -3.03 -7.56 18.28
N ARG A 169 -2.89 -6.35 18.84
CA ARG A 169 -3.98 -5.42 19.04
C ARG A 169 -4.37 -4.68 17.76
N TYR A 170 -3.38 -4.28 16.94
CA TYR A 170 -3.60 -3.30 15.89
C TYR A 170 -3.27 -3.79 14.48
N ASP A 171 -2.49 -4.87 14.33
CA ASP A 171 -1.89 -5.20 13.04
C ASP A 171 -2.45 -6.48 12.45
N SER A 172 -3.51 -7.03 13.03
CA SER A 172 -4.10 -8.27 12.54
C SER A 172 -5.60 -8.12 12.37
N GLY A 173 -6.06 -6.93 11.95
CA GLY A 173 -7.47 -6.68 11.79
C GLY A 173 -8.02 -7.29 10.52
N GLY A 174 -9.34 -7.14 10.36
CA GLY A 174 -9.95 -7.54 9.11
C GLY A 174 -10.10 -9.03 8.89
N HIS A 175 -9.94 -9.85 9.92
CA HIS A 175 -10.28 -11.26 9.87
C HIS A 175 -11.45 -11.53 10.82
N GLY A 176 -12.17 -12.62 10.57
CA GLY A 176 -13.33 -12.96 11.37
C GLY A 176 -13.57 -14.44 11.52
N PHE A 177 -14.84 -14.81 11.68
CA PHE A 177 -15.18 -16.21 11.95
C PHE A 177 -14.66 -17.14 10.86
N ASP A 178 -14.74 -16.72 9.59
CA ASP A 178 -14.40 -17.63 8.49
C ASP A 178 -12.95 -18.12 8.60
N MET A 179 -12.01 -17.19 8.85
CA MET A 179 -10.60 -17.58 8.88
C MET A 179 -10.23 -18.26 10.20
N TRP A 180 -10.77 -17.76 11.32
CA TRP A 180 -10.46 -18.36 12.60
C TRP A 180 -11.01 -19.79 12.72
N ALA A 181 -12.22 -20.03 12.24
CA ALA A 181 -12.74 -21.39 12.22
C ALA A 181 -11.90 -22.28 11.33
N ARG A 182 -11.42 -21.75 10.20
CA ARG A 182 -10.61 -22.56 9.31
C ARG A 182 -9.29 -22.94 9.96
N ALA A 183 -8.68 -21.99 10.68
CA ALA A 183 -7.46 -22.30 11.45
C ALA A 183 -7.74 -23.38 12.49
N GLY A 184 -8.87 -23.27 13.20
CA GLY A 184 -9.26 -24.35 14.10
C GLY A 184 -9.34 -25.68 13.39
N ARG A 185 -9.98 -25.71 12.22
CA ARG A 185 -10.12 -26.96 11.49
C ARG A 185 -8.77 -27.54 11.08
N VAL A 186 -7.88 -26.68 10.58
CA VAL A 186 -6.64 -27.17 9.97
C VAL A 186 -5.63 -27.59 11.03
N ILE A 187 -5.49 -26.80 12.10
CA ILE A 187 -4.61 -27.18 13.18
C ILE A 187 -5.09 -28.45 13.87
N ASP A 188 -6.40 -28.57 14.13
CA ASP A 188 -6.94 -29.79 14.72
C ASP A 188 -6.66 -31.00 13.83
N GLU A 189 -6.96 -30.89 12.54
CA GLU A 189 -6.74 -32.03 11.66
C GLU A 189 -5.26 -32.37 11.52
N ALA A 190 -4.38 -31.38 11.70
CA ALA A 190 -2.95 -31.64 11.58
C ALA A 190 -2.44 -32.51 12.73
N TYR A 191 -2.82 -32.19 13.96
CA TYR A 191 -2.41 -33.04 15.07
C TYR A 191 -3.09 -34.41 14.98
N ARG A 192 -4.37 -34.43 14.60
CA ARG A 192 -5.09 -35.69 14.47
C ARG A 192 -4.44 -36.61 13.46
N THR A 193 -3.87 -36.06 12.39
CA THR A 193 -3.32 -36.87 11.30
C THR A 193 -1.91 -37.37 11.64
N TRP A 194 -1.07 -36.51 12.22
CA TRP A 194 0.34 -36.79 12.44
C TRP A 194 0.67 -37.12 13.88
N GLY A 195 -0.21 -36.81 14.82
CA GLY A 195 0.11 -36.94 16.23
C GLY A 195 0.79 -35.70 16.73
N SER A 196 1.94 -35.38 16.14
CA SER A 196 2.71 -34.22 16.56
C SER A 196 3.57 -33.77 15.38
N PRO A 197 4.12 -32.55 15.43
CA PRO A 197 5.07 -32.15 14.37
C PRO A 197 6.37 -32.93 14.42
N MET A 198 6.80 -33.40 15.60
CA MET A 198 7.96 -34.28 15.68
C MET A 198 7.74 -35.57 14.90
N ARG A 199 6.56 -36.20 15.05
CA ARG A 199 6.20 -37.32 14.18
C ARG A 199 6.18 -36.89 12.73
N ARG A 200 5.62 -35.70 12.44
CA ARG A 200 5.60 -35.20 11.08
C ARG A 200 7.01 -35.17 10.49
N MET A 201 7.99 -34.68 11.27
CA MET A 201 9.37 -34.59 10.79
C MET A 201 9.97 -35.96 10.50
N GLU A 202 9.74 -36.95 11.36
CA GLU A 202 10.33 -38.27 11.12
C GLU A 202 9.79 -38.91 9.85
N ALA A 203 8.63 -38.46 9.35
CA ALA A 203 8.10 -38.94 8.09
C ALA A 203 8.73 -38.29 6.86
N LEU A 204 9.61 -37.30 7.04
CA LEU A 204 10.31 -36.71 5.90
C LEU A 204 11.24 -37.75 5.29
N ALA A 205 11.06 -38.02 3.98
CA ALA A 205 11.90 -38.99 3.30
C ALA A 205 13.39 -38.66 3.41
N GLU A 206 13.75 -37.39 3.24
CA GLU A 206 15.14 -36.95 3.21
C GLU A 206 15.27 -35.70 4.05
N PRO A 207 15.26 -35.84 5.38
CA PRO A 207 15.14 -34.67 6.26
C PRO A 207 16.27 -33.67 6.07
N CYS A 208 15.91 -32.42 5.82
CA CYS A 208 16.84 -31.30 5.79
C CYS A 208 17.14 -30.87 7.24
N ALA A 209 17.83 -29.76 7.43
CA ALA A 209 18.15 -29.28 8.77
C ALA A 209 16.98 -28.48 9.34
N ILE A 210 16.41 -28.96 10.43
CA ILE A 210 15.30 -28.28 11.11
C ILE A 210 15.81 -27.68 12.41
N ARG A 211 15.38 -26.46 12.70
CA ARG A 211 15.62 -25.84 13.99
C ARG A 211 14.32 -25.25 14.52
N HIS A 212 13.98 -25.58 15.75
CA HIS A 212 12.81 -25.04 16.41
C HIS A 212 13.28 -24.00 17.41
N VAL A 213 12.80 -22.78 17.27
CA VAL A 213 13.08 -21.69 18.18
C VAL A 213 11.79 -21.31 18.88
N PHE A 214 11.81 -21.24 20.21
CA PHE A 214 10.58 -21.04 20.96
C PHE A 214 10.87 -20.33 22.28
N SER A 215 9.82 -19.72 22.82
CA SER A 215 9.78 -19.24 24.20
C SER A 215 8.65 -19.84 25.01
N HIS A 216 7.62 -20.35 24.34
CA HIS A 216 6.46 -20.90 25.02
C HIS A 216 6.39 -22.40 24.73
N PRO A 217 6.74 -23.23 25.64
CA PRO A 217 5.95 -24.43 25.87
C PRO A 217 5.67 -24.56 27.36
N LYS A 218 6.46 -23.86 28.17
CA LYS A 218 6.53 -23.92 29.64
C LYS A 218 7.89 -23.41 30.10
N GLU A 221 5.63 -28.21 28.66
CA GLU A 221 6.64 -28.94 29.42
C GLU A 221 8.09 -28.82 28.88
N TYR A 222 8.52 -29.75 28.02
CA TYR A 222 9.90 -30.23 28.08
C TYR A 222 10.78 -29.90 26.90
N ASP A 223 11.78 -29.07 27.19
CA ASP A 223 13.06 -29.15 26.52
C ASP A 223 13.58 -30.58 26.42
N ALA A 224 13.29 -31.44 27.42
CA ALA A 224 13.88 -32.79 27.39
C ALA A 224 13.36 -33.60 26.21
N LEU A 225 12.10 -33.38 25.83
CA LEU A 225 11.59 -33.97 24.61
C LEU A 225 12.40 -33.51 23.40
N HIS A 226 12.89 -32.28 23.43
CA HIS A 226 13.73 -31.77 22.35
C HIS A 226 15.13 -32.39 22.39
N ASP A 227 15.76 -32.39 23.57
CA ASP A 227 17.05 -33.09 23.76
C ASP A 227 16.99 -34.50 23.21
N ASP A 228 15.92 -35.23 23.57
CA ASP A 228 15.76 -36.60 23.10
C ASP A 228 15.61 -36.65 21.59
N PHE A 229 14.87 -35.71 21.01
CA PHE A 229 14.70 -35.70 19.56
C PHE A 229 16.00 -35.33 18.86
N ALA A 230 16.71 -34.32 19.39
CA ALA A 230 17.98 -33.92 18.79
C ALA A 230 19.01 -35.03 18.91
N ALA A 231 19.03 -35.75 20.04
CA ALA A 231 19.96 -36.86 20.23
C ALA A 231 19.70 -38.01 19.25
N ARG A 232 18.48 -38.14 18.75
CA ARG A 232 18.16 -39.21 17.81
C ARG A 232 18.35 -38.81 16.35
N HIS A 233 18.28 -37.52 16.05
CA HIS A 233 18.34 -37.05 14.67
C HIS A 233 19.35 -35.92 14.58
N PRO A 234 20.49 -36.14 13.91
CA PRO A 234 21.52 -35.09 13.81
C PRO A 234 21.07 -33.88 13.03
N TRP A 235 20.02 -34.00 12.20
CA TRP A 235 19.57 -32.86 11.42
C TRP A 235 18.75 -31.88 12.23
N PHE A 236 18.42 -32.19 13.49
CA PHE A 236 17.50 -31.39 14.27
C PHE A 236 18.26 -30.63 15.35
N SER A 237 17.94 -29.34 15.48
CA SER A 237 18.44 -28.50 16.56
C SER A 237 17.27 -27.67 17.11
N TYR A 238 17.55 -26.98 18.20
CA TYR A 238 16.51 -26.19 18.86
C TYR A 238 17.15 -25.20 19.81
N ARG A 239 16.37 -24.21 20.20
CA ARG A 239 16.84 -23.22 21.16
C ARG A 239 15.65 -22.59 21.86
N ARG A 240 15.66 -22.64 23.19
CA ARG A 240 14.72 -21.88 23.98
C ARG A 240 15.25 -20.45 24.10
N LEU A 241 14.38 -19.46 23.88
CA LEU A 241 14.83 -18.08 23.79
C LEU A 241 14.63 -17.29 25.07
N GLY A 242 13.68 -17.68 25.92
CA GLY A 242 13.45 -16.95 27.15
C GLY A 242 12.58 -15.74 27.00
N GLY A 243 11.81 -15.62 25.90
CA GLY A 243 10.89 -14.53 25.75
C GLY A 243 9.60 -14.76 26.53
N GLU A 244 8.89 -13.67 26.79
CA GLU A 244 7.62 -13.77 27.51
C GLU A 244 6.50 -14.33 26.64
N THR A 245 6.59 -14.23 25.32
CA THR A 245 5.43 -14.41 24.46
C THR A 245 5.58 -15.60 23.53
N HIS A 246 4.48 -15.90 22.85
CA HIS A 246 4.34 -16.85 21.76
C HIS A 246 4.93 -16.34 20.45
N PHE A 247 5.47 -15.12 20.42
CA PHE A 247 5.93 -14.50 19.18
C PHE A 247 7.41 -14.13 19.31
N PRO A 248 8.31 -15.11 19.24
CA PRO A 248 9.74 -14.79 19.38
C PRO A 248 10.27 -13.93 18.25
N GLY A 249 9.86 -14.19 17.02
CA GLY A 249 10.28 -13.39 15.88
C GLY A 249 9.91 -11.92 15.99
N ILE A 250 8.87 -11.59 16.75
CA ILE A 250 8.43 -10.22 16.95
C ILE A 250 9.00 -9.64 18.23
N GLU A 251 9.05 -10.47 19.29
CA GLU A 251 9.56 -10.01 20.57
C GLU A 251 11.08 -9.91 20.55
N LEU A 252 11.76 -10.86 19.92
CA LEU A 252 13.23 -10.91 19.85
C LEU A 252 13.71 -10.99 18.41
N PRO A 253 13.46 -9.95 17.60
CA PRO A 253 13.71 -10.09 16.14
C PRO A 253 15.17 -10.28 15.79
N GLN A 254 16.08 -9.56 16.45
CA GLN A 254 17.51 -9.73 16.14
C GLN A 254 18.00 -11.13 16.51
N GLN A 255 17.61 -11.64 17.68
CA GLN A 255 18.06 -12.97 18.08
C GLN A 255 17.53 -14.03 17.12
N VAL A 256 16.25 -13.94 16.73
CA VAL A 256 15.70 -14.95 15.84
C VAL A 256 16.37 -14.88 14.48
N ALA A 257 16.62 -13.65 14.00
CA ALA A 257 17.32 -13.48 12.73
C ALA A 257 18.71 -14.10 12.80
N ALA A 258 19.44 -13.81 13.89
CA ALA A 258 20.76 -14.40 14.08
C ALA A 258 20.68 -15.92 14.04
N GLU A 259 19.62 -16.51 14.62
CA GLU A 259 19.43 -17.95 14.54
C GLU A 259 19.25 -18.42 13.11
N ALA A 260 18.42 -17.70 12.34
CA ALA A 260 18.18 -18.08 10.95
C ALA A 260 19.46 -17.99 10.14
N ILE A 261 20.22 -16.92 10.34
CA ILE A 261 21.49 -16.75 9.63
C ILE A 261 22.46 -17.84 10.04
N ASP A 262 22.47 -18.21 11.33
CA ASP A 262 23.29 -19.32 11.79
C ASP A 262 22.86 -20.64 11.16
N LEU A 263 21.55 -20.93 11.20
CA LEU A 263 21.04 -22.16 10.61
C LEU A 263 21.44 -22.29 9.15
N LEU A 264 21.30 -21.20 8.39
CA LEU A 264 21.65 -21.22 6.97
C LEU A 264 23.14 -21.45 6.79
N ALA A 265 23.96 -20.77 7.59
CA ALA A 265 25.41 -20.93 7.49
C ALA A 265 25.80 -22.40 7.63
N GLY A 266 25.25 -23.09 8.63
CA GLY A 266 25.56 -24.50 8.81
C GLY A 266 25.13 -25.35 7.64
N ALA A 267 23.99 -25.04 7.03
CA ALA A 267 23.42 -25.91 6.02
C ALA A 267 23.72 -25.41 4.61
N THR B 3 -6.66 -2.94 3.30
CA THR B 3 -7.53 -4.10 3.03
C THR B 3 -8.89 -3.75 2.39
N THR B 4 -9.43 -4.69 1.61
CA THR B 4 -10.65 -4.47 0.84
C THR B 4 -11.58 -5.68 0.97
N LYS B 5 -12.88 -5.38 0.91
CA LYS B 5 -13.93 -6.38 0.84
C LYS B 5 -14.94 -5.96 -0.23
N THR B 6 -15.49 -6.94 -0.94
CA THR B 6 -16.64 -6.67 -1.80
C THR B 6 -17.90 -6.61 -0.94
N VAL B 7 -18.56 -5.45 -0.95
CA VAL B 7 -19.81 -5.22 -0.24
C VAL B 7 -20.79 -4.64 -1.25
N ASN B 8 -21.91 -5.34 -1.45
CA ASN B 8 -22.94 -4.92 -2.41
C ASN B 8 -22.38 -4.84 -3.83
N GLY B 9 -21.47 -5.75 -4.17
CA GLY B 9 -20.86 -5.73 -5.50
C GLY B 9 -19.84 -4.63 -5.77
N VAL B 10 -19.46 -3.82 -4.77
CA VAL B 10 -18.40 -2.82 -4.95
C VAL B 10 -17.31 -3.02 -3.90
N GLN B 11 -16.11 -2.54 -4.23
CA GLN B 11 -14.95 -2.69 -3.36
C GLN B 11 -14.97 -1.61 -2.30
N ILE B 12 -14.90 -2.03 -1.04
CA ILE B 12 -14.87 -1.10 0.09
C ILE B 12 -13.53 -1.25 0.77
N ALA B 13 -12.68 -0.23 0.67
CA ALA B 13 -11.41 -0.21 1.37
C ALA B 13 -11.64 0.21 2.82
N PHE B 14 -10.88 -0.38 3.74
CA PHE B 14 -11.06 -0.11 5.16
C PHE B 14 -9.79 -0.53 5.89
N ASP B 15 -9.74 -0.21 7.19
CA ASP B 15 -8.81 -0.92 8.05
C ASP B 15 -9.39 -0.97 9.46
N ASP B 16 -8.88 -1.93 10.22
CA ASP B 16 -9.55 -2.43 11.41
C ASP B 16 -8.47 -2.61 12.48
N GLN B 17 -8.51 -1.76 13.51
CA GLN B 17 -7.46 -1.66 14.52
C GLN B 17 -8.07 -1.55 15.91
N GLY B 18 -7.57 -2.34 16.86
CA GLY B 18 -7.98 -2.25 18.25
C GLY B 18 -8.92 -3.38 18.67
N HIS B 19 -8.90 -3.67 19.97
CA HIS B 19 -9.74 -4.75 20.51
C HIS B 19 -10.45 -4.41 21.82
N GLU B 20 -10.30 -3.19 22.33
CA GLU B 20 -11.02 -2.76 23.53
C GLU B 20 -12.52 -2.98 23.37
N PRO B 21 -13.20 -3.55 24.37
CA PRO B 21 -14.64 -3.79 24.24
C PRO B 21 -15.44 -2.51 24.30
N GLY B 22 -16.70 -2.61 23.86
CA GLY B 22 -17.60 -1.50 23.84
C GLY B 22 -17.91 -1.06 22.43
N PRO B 23 -18.51 0.11 22.28
CA PRO B 23 -18.86 0.60 20.92
C PRO B 23 -17.63 0.84 20.06
N VAL B 24 -17.69 0.36 18.81
CA VAL B 24 -16.61 0.58 17.85
C VAL B 24 -16.66 2.01 17.32
N PHE B 25 -15.48 2.61 17.16
CA PHE B 25 -15.38 3.85 16.41
C PHE B 25 -15.31 3.52 14.91
N VAL B 26 -16.06 4.28 14.11
CA VAL B 26 -16.09 4.11 12.65
C VAL B 26 -15.88 5.49 12.04
N THR B 27 -14.80 5.64 11.26
CA THR B 27 -14.52 6.94 10.66
C THR B 27 -15.03 6.97 9.23
N LEU B 28 -15.51 8.14 8.82
CA LEU B 28 -16.04 8.39 7.49
C LEU B 28 -15.47 9.70 7.00
N SER B 29 -14.81 9.66 5.85
CA SER B 29 -14.14 10.85 5.34
C SER B 29 -15.11 11.72 4.53
N GLY B 30 -14.63 12.87 4.08
CA GLY B 30 -15.37 13.64 3.11
C GLY B 30 -15.21 13.09 1.70
N TRP B 31 -15.90 13.75 0.77
CA TRP B 31 -15.78 13.43 -0.64
C TRP B 31 -14.35 13.61 -1.12
N ALA B 32 -13.91 12.70 -1.99
CA ALA B 32 -12.59 12.69 -2.61
C ALA B 32 -11.46 12.36 -1.64
N HIS B 33 -11.77 11.97 -0.41
CA HIS B 33 -10.74 11.59 0.55
C HIS B 33 -10.93 10.16 0.98
N ASP B 34 -9.91 9.60 1.62
CA ASP B 34 -9.94 8.21 2.06
C ASP B 34 -9.60 8.12 3.54
N LEU B 35 -9.06 6.97 3.97
CA LEU B 35 -8.70 6.75 5.38
C LEU B 35 -7.72 7.80 5.90
N ARG B 36 -6.80 8.29 5.05
CA ARG B 36 -5.75 9.21 5.49
C ARG B 36 -6.30 10.42 6.24
N ALA B 37 -7.55 10.79 6.01
CA ALA B 37 -8.13 11.90 6.77
C ALA B 37 -8.08 11.66 8.27
N TYR B 38 -7.91 10.42 8.70
CA TYR B 38 -7.94 10.05 10.10
C TYR B 38 -6.60 9.51 10.60
N ASP B 39 -5.52 9.70 9.83
CA ASP B 39 -4.19 9.30 10.29
C ASP B 39 -3.86 9.98 11.61
N GLY B 40 -4.18 11.27 11.74
CA GLY B 40 -3.87 12.00 12.95
C GLY B 40 -4.62 11.49 14.17
N MET B 41 -5.93 11.22 14.03
CA MET B 41 -6.74 10.79 15.16
C MET B 41 -6.62 9.29 15.44
N LEU B 42 -6.14 8.51 14.48
CA LEU B 42 -6.06 7.06 14.66
C LEU B 42 -5.34 6.62 15.93
N PRO B 43 -4.16 7.15 16.29
CA PRO B 43 -3.49 6.65 17.52
C PRO B 43 -4.34 6.79 18.77
N TYR B 44 -5.06 7.90 18.93
CA TYR B 44 -5.90 8.07 20.09
C TYR B 44 -7.16 7.22 20.02
N LEU B 45 -7.80 7.13 18.84
CA LEU B 45 -9.02 6.34 18.72
C LEU B 45 -8.77 4.87 19.03
N ARG B 46 -7.69 4.31 18.46
CA ARG B 46 -7.50 2.86 18.51
C ARG B 46 -7.03 2.41 19.89
N ALA B 47 -6.43 3.30 20.68
CA ALA B 47 -6.17 2.99 22.07
C ALA B 47 -7.46 2.83 22.85
N ALA B 48 -8.48 3.63 22.53
CA ALA B 48 -9.73 3.67 23.28
C ALA B 48 -10.69 2.55 22.90
N GLN B 49 -10.92 2.35 21.60
CA GLN B 49 -11.88 1.37 21.12
C GLN B 49 -11.35 0.74 19.83
N ARG B 50 -11.90 -0.43 19.50
CA ARG B 50 -11.77 -0.93 18.14
C ARG B 50 -12.20 0.17 17.18
N THR B 51 -11.33 0.51 16.23
CA THR B 51 -11.56 1.58 15.28
C THR B 51 -11.57 0.99 13.89
N VAL B 52 -12.64 1.22 13.15
CA VAL B 52 -12.71 0.84 11.73
C VAL B 52 -12.75 2.13 10.95
N ARG B 53 -11.79 2.31 10.05
CA ARG B 53 -11.77 3.43 9.14
C ARG B 53 -12.28 2.95 7.79
N VAL B 54 -13.28 3.64 7.23
CA VAL B 54 -14.04 3.17 6.08
C VAL B 54 -13.90 4.17 4.95
N CYS B 55 -13.68 3.66 3.73
CA CYS B 55 -13.72 4.48 2.52
C CYS B 55 -15.08 4.32 1.83
N TRP B 56 -15.48 5.37 1.12
CA TRP B 56 -16.65 5.27 0.25
C TRP B 56 -16.34 4.39 -0.95
N ARG B 57 -17.38 3.89 -1.62
CA ARG B 57 -17.12 3.18 -2.87
C ARG B 57 -16.50 4.13 -3.87
N GLY B 58 -15.66 3.57 -4.73
CA GLY B 58 -14.84 4.29 -5.68
C GLY B 58 -13.74 5.14 -5.10
N HIS B 59 -13.61 5.17 -3.77
CA HIS B 59 -12.67 6.06 -3.11
C HIS B 59 -11.42 5.36 -2.59
N GLY B 60 -11.36 4.03 -2.63
CA GLY B 60 -10.17 3.29 -2.21
C GLY B 60 -9.12 3.20 -3.32
N PRO B 61 -8.16 2.27 -3.17
CA PRO B 61 -7.05 2.20 -4.14
C PRO B 61 -7.51 2.00 -5.58
N ASP B 62 -8.59 1.23 -5.78
CA ASP B 62 -9.13 1.00 -7.12
C ASP B 62 -9.94 2.23 -7.52
N ARG B 63 -9.47 2.97 -8.53
CA ARG B 63 -10.17 4.17 -8.97
C ARG B 63 -10.84 3.99 -10.32
N ASN B 64 -11.15 2.76 -10.71
CA ASN B 64 -12.08 2.61 -11.81
C ASN B 64 -13.42 3.25 -11.44
N LEU B 65 -14.19 3.63 -12.46
CA LEU B 65 -15.47 4.28 -12.22
C LEU B 65 -16.47 3.26 -11.66
N VAL B 66 -17.26 3.70 -10.68
CA VAL B 66 -18.26 2.82 -10.08
C VAL B 66 -19.64 3.29 -10.49
N GLY B 67 -20.63 2.41 -10.30
CA GLY B 67 -21.99 2.78 -10.62
C GLY B 67 -22.40 4.01 -9.81
N ASP B 68 -23.19 4.88 -10.44
CA ASP B 68 -23.60 6.11 -9.78
C ASP B 68 -24.27 5.80 -8.45
N PHE B 69 -24.10 6.70 -7.49
CA PHE B 69 -24.52 6.44 -6.11
C PHE B 69 -24.69 7.75 -5.38
N GLY B 70 -25.39 7.69 -4.25
CA GLY B 70 -25.53 8.83 -3.36
C GLY B 70 -25.50 8.43 -1.90
N ILE B 71 -26.13 9.23 -1.04
CA ILE B 71 -26.10 8.99 0.41
C ILE B 71 -26.60 7.58 0.74
N ASP B 72 -27.68 7.15 0.09
CA ASP B 72 -28.25 5.84 0.42
C ASP B 72 -27.22 4.74 0.26
N GLU B 73 -26.46 4.77 -0.84
CA GLU B 73 -25.46 3.74 -1.10
C GLU B 73 -24.28 3.86 -0.15
N MET B 74 -23.87 5.09 0.18
CA MET B 74 -22.78 5.27 1.14
C MET B 74 -23.16 4.72 2.50
N ALA B 75 -24.39 4.96 2.95
CA ALA B 75 -24.87 4.38 4.20
C ALA B 75 -24.89 2.85 4.11
N ALA B 76 -25.45 2.31 3.02
CA ALA B 76 -25.62 0.86 2.92
C ALA B 76 -24.29 0.12 2.73
N ASP B 77 -23.32 0.74 2.03
CA ASP B 77 -22.02 0.08 1.90
C ASP B 77 -21.34 -0.04 3.25
N THR B 78 -21.47 1.00 4.07
CA THR B 78 -20.80 1.06 5.35
C THR B 78 -21.45 0.09 6.33
N ILE B 79 -22.78 0.05 6.36
CA ILE B 79 -23.49 -0.92 7.20
C ILE B 79 -23.13 -2.33 6.78
N GLY B 80 -23.04 -2.57 5.47
CA GLY B 80 -22.70 -3.90 4.99
C GLY B 80 -21.30 -4.33 5.37
N LEU B 81 -20.33 -3.41 5.32
CA LEU B 81 -18.99 -3.77 5.75
C LEU B 81 -18.95 -4.06 7.24
N LEU B 82 -19.58 -3.21 8.04
CA LEU B 82 -19.56 -3.37 9.48
C LEU B 82 -20.15 -4.71 9.89
N ASP B 83 -21.19 -5.15 9.18
CA ASP B 83 -21.78 -6.46 9.44
C ASP B 83 -20.84 -7.58 9.04
N ALA B 84 -20.08 -7.40 7.95
CA ALA B 84 -19.12 -8.42 7.58
C ALA B 84 -17.98 -8.52 8.60
N LEU B 85 -17.69 -7.43 9.31
CA LEU B 85 -16.67 -7.41 10.37
C LEU B 85 -17.26 -7.70 11.75
N GLU B 86 -18.54 -8.06 11.82
CA GLU B 86 -19.23 -8.39 13.06
C GLU B 86 -19.13 -7.26 14.06
N VAL B 87 -19.35 -6.04 13.58
CA VAL B 87 -19.41 -4.87 14.44
C VAL B 87 -20.85 -4.69 14.91
N ASP B 88 -21.04 -4.63 16.22
CA ASP B 88 -22.37 -4.37 16.74
C ASP B 88 -22.57 -2.87 16.85
N SER B 89 -22.63 -2.35 18.07
CA SER B 89 -22.85 -0.93 18.26
C SER B 89 -21.63 -0.15 17.83
N PHE B 90 -21.83 1.07 17.34
CA PHE B 90 -20.70 1.86 16.88
C PHE B 90 -21.05 3.32 16.88
N VAL B 91 -20.01 4.14 16.81
CA VAL B 91 -20.14 5.59 16.85
C VAL B 91 -19.46 6.16 15.61
N PRO B 92 -20.22 6.67 14.65
CA PRO B 92 -19.60 7.24 13.46
C PRO B 92 -18.92 8.55 13.78
N ILE B 93 -17.72 8.73 13.24
CA ILE B 93 -17.05 10.02 13.20
C ILE B 93 -16.92 10.40 11.72
N ALA B 94 -17.51 11.53 11.33
CA ALA B 94 -17.64 11.84 9.90
C ALA B 94 -17.25 13.27 9.61
N HIS B 95 -16.45 13.45 8.56
CA HIS B 95 -15.99 14.76 8.16
C HIS B 95 -16.96 15.43 7.20
N ALA B 96 -17.26 16.71 7.48
CA ALA B 96 -18.09 17.59 6.66
C ALA B 96 -19.27 16.86 6.05
N HIS B 97 -19.31 16.73 4.73
CA HIS B 97 -20.49 16.19 4.08
C HIS B 97 -20.55 14.67 4.11
N GLY B 98 -19.52 14.00 4.62
CA GLY B 98 -19.79 12.64 5.06
C GLY B 98 -20.77 12.55 6.22
N GLY B 99 -21.04 13.67 6.88
CA GLY B 99 -22.02 13.67 7.97
C GLY B 99 -23.40 13.22 7.53
N TRP B 100 -23.80 13.59 6.30
CA TRP B 100 -25.08 13.17 5.76
C TRP B 100 -25.22 11.66 5.82
N ALA B 101 -24.18 10.95 5.42
CA ALA B 101 -24.26 9.49 5.44
C ALA B 101 -24.19 8.96 6.86
N ALA B 102 -23.50 9.66 7.77
CA ALA B 102 -23.50 9.23 9.18
C ALA B 102 -24.89 9.38 9.79
N LEU B 103 -25.56 10.50 9.53
CA LEU B 103 -26.93 10.68 10.01
C LEU B 103 -27.85 9.62 9.43
N GLU B 104 -27.67 9.30 8.14
CA GLU B 104 -28.53 8.30 7.49
C GLU B 104 -28.30 6.92 8.08
N ILE B 105 -27.06 6.62 8.46
CA ILE B 105 -26.73 5.34 9.10
C ILE B 105 -27.35 5.28 10.49
N ALA B 106 -27.29 6.38 11.23
CA ALA B 106 -27.94 6.44 12.54
C ALA B 106 -29.44 6.25 12.41
N ASP B 107 -30.05 6.84 11.39
CA ASP B 107 -31.49 6.72 11.20
C ASP B 107 -31.88 5.29 10.89
N ARG B 108 -31.17 4.65 9.97
CA ARG B 108 -31.51 3.29 9.56
C ARG B 108 -31.38 2.29 10.70
N LEU B 109 -30.45 2.53 11.62
CA LEU B 109 -30.10 1.48 12.57
C LEU B 109 -30.67 1.72 13.96
N GLY B 110 -30.95 2.96 14.32
CA GLY B 110 -31.50 3.27 15.62
C GLY B 110 -30.45 3.54 16.68
N ALA B 111 -30.93 4.07 17.82
CA ALA B 111 -30.08 4.63 18.85
C ALA B 111 -29.41 3.58 19.74
N GLN B 112 -29.84 2.32 19.70
CA GLN B 112 -29.09 1.27 20.39
C GLN B 112 -27.83 0.92 19.62
N ARG B 113 -27.98 0.53 18.35
CA ARG B 113 -26.84 0.18 17.52
C ARG B 113 -25.96 1.40 17.24
N VAL B 114 -26.54 2.59 17.18
CA VAL B 114 -25.75 3.79 16.94
C VAL B 114 -26.09 4.82 18.00
N PRO B 115 -25.48 4.72 19.18
CA PRO B 115 -25.82 5.62 20.30
C PRO B 115 -25.32 7.04 20.10
N ALA B 116 -24.27 7.24 19.31
CA ALA B 116 -23.74 8.58 19.15
C ALA B 116 -23.20 8.74 17.75
N VAL B 117 -23.25 9.97 17.26
CA VAL B 117 -22.62 10.35 16.00
C VAL B 117 -21.80 11.61 16.25
N MET B 118 -20.58 11.63 15.74
CA MET B 118 -19.73 12.82 15.80
C MET B 118 -19.55 13.37 14.39
N ILE B 119 -19.77 14.67 14.23
CA ILE B 119 -19.65 15.35 12.95
C ILE B 119 -18.59 16.42 13.06
N LEU B 120 -17.68 16.49 12.08
CA LEU B 120 -16.59 17.44 12.09
C LEU B 120 -16.80 18.47 10.98
N ASP B 121 -16.92 19.74 11.37
CA ASP B 121 -17.21 20.89 10.54
C ASP B 121 -18.10 20.63 9.33
N LEU B 122 -19.40 20.49 9.57
CA LEU B 122 -20.42 20.46 8.54
C LEU B 122 -21.26 21.72 8.67
N ILE B 123 -21.22 22.60 7.66
CA ILE B 123 -21.94 23.87 7.68
C ILE B 123 -23.41 23.64 8.02
N MET B 124 -23.86 24.16 9.16
CA MET B 124 -25.20 23.86 9.67
C MET B 124 -26.28 24.79 9.14
N THR B 125 -25.92 25.94 8.58
CA THR B 125 -26.86 26.77 7.84
C THR B 125 -27.11 26.17 6.45
N PRO B 126 -28.03 26.77 5.68
CA PRO B 126 -28.00 26.56 4.23
C PRO B 126 -26.67 27.04 3.67
N ALA B 127 -26.24 26.42 2.57
CA ALA B 127 -24.86 26.55 2.15
C ALA B 127 -24.55 27.98 1.70
N PRO B 128 -23.33 28.48 1.96
CA PRO B 128 -22.92 29.79 1.44
C PRO B 128 -22.86 29.82 -0.08
N ARG B 129 -23.04 31.01 -0.64
CA ARG B 129 -23.24 31.16 -2.07
C ARG B 129 -21.99 30.77 -2.87
N GLU B 130 -20.79 31.01 -2.34
CA GLU B 130 -19.59 30.62 -3.10
C GLU B 130 -19.47 29.11 -3.15
N PHE B 131 -19.84 28.46 -2.04
CA PHE B 131 -19.80 27.01 -2.00
C PHE B 131 -20.84 26.40 -2.93
N VAL B 132 -22.07 26.95 -2.89
CA VAL B 132 -23.14 26.50 -3.75
C VAL B 132 -22.76 26.64 -5.21
N ALA B 133 -22.13 27.76 -5.57
CA ALA B 133 -21.79 27.97 -6.97
C ALA B 133 -20.72 26.96 -7.41
N ALA B 134 -19.78 26.63 -6.51
CA ALA B 134 -18.81 25.59 -6.81
C ALA B 134 -19.48 24.22 -6.93
N LEU B 135 -20.52 23.96 -6.11
CA LEU B 135 -21.26 22.70 -6.26
C LEU B 135 -21.90 22.60 -7.63
N HIS B 136 -22.32 23.73 -8.19
CA HIS B 136 -22.93 23.70 -9.52
C HIS B 136 -21.88 23.66 -10.60
N GLY B 137 -20.79 24.41 -10.42
CA GLY B 137 -19.75 24.43 -11.43
C GLY B 137 -19.05 23.09 -11.59
N ILE B 138 -18.84 22.37 -10.49
CA ILE B 138 -18.14 21.10 -10.56
C ILE B 138 -18.94 20.04 -11.29
N GLN B 139 -20.22 20.29 -11.60
CA GLN B 139 -21.04 19.38 -12.36
C GLN B 139 -21.06 19.69 -13.84
N ASP B 140 -20.57 20.85 -14.22
CA ASP B 140 -20.62 21.30 -15.61
C ASP B 140 -19.40 20.73 -16.33
N PRO B 141 -19.59 19.84 -17.31
CA PRO B 141 -18.43 19.28 -18.04
C PRO B 141 -17.47 20.35 -18.57
N GLU B 142 -18.02 21.46 -19.04
CA GLU B 142 -17.23 22.50 -19.68
C GLU B 142 -16.40 23.29 -18.68
N ARG B 143 -16.76 23.28 -17.40
CA ARG B 143 -16.06 24.14 -16.45
C ARG B 143 -15.83 23.46 -15.10
N TRP B 144 -15.81 22.13 -15.05
CA TRP B 144 -15.78 21.47 -13.75
C TRP B 144 -14.47 21.68 -13.01
N LYS B 145 -13.36 21.86 -13.74
CA LYS B 145 -12.07 22.04 -13.08
C LYS B 145 -12.00 23.36 -12.34
N GLU B 146 -12.70 24.39 -12.84
CA GLU B 146 -12.91 25.61 -12.06
C GLU B 146 -13.76 25.32 -10.83
N GLY B 147 -14.80 24.50 -10.99
CA GLY B 147 -15.59 24.08 -9.85
C GLY B 147 -14.74 23.37 -8.80
N ARG B 148 -13.89 22.44 -9.23
CA ARG B 148 -13.02 21.75 -8.27
C ARG B 148 -12.09 22.72 -7.57
N ASP B 149 -11.55 23.68 -8.33
CA ASP B 149 -10.68 24.71 -7.75
C ASP B 149 -11.44 25.53 -6.70
N GLY B 150 -12.66 25.97 -7.04
CA GLY B 150 -13.48 26.65 -6.04
C GLY B 150 -13.76 25.78 -4.83
N LEU B 151 -14.01 24.49 -5.05
CA LEU B 151 -14.18 23.56 -3.94
C LEU B 151 -12.92 23.48 -3.09
N VAL B 152 -11.75 23.44 -3.73
CA VAL B 152 -10.52 23.24 -2.95
C VAL B 152 -10.17 24.51 -2.19
N GLN B 153 -10.47 25.69 -2.74
CA GLN B 153 -10.21 26.93 -2.00
C GLN B 153 -11.13 27.05 -0.78
N SER B 154 -12.41 26.76 -0.95
CA SER B 154 -13.31 26.80 0.19
C SER B 154 -12.88 25.81 1.28
N TRP B 155 -12.14 24.76 0.92
CA TRP B 155 -11.57 23.88 1.94
C TRP B 155 -10.37 24.52 2.60
N LEU B 156 -9.49 25.16 1.82
CA LEU B 156 -8.22 25.67 2.32
C LEU B 156 -8.40 26.97 3.08
N ALA B 157 -9.14 27.91 2.50
CA ALA B 157 -9.49 29.21 3.07
C ALA B 157 -8.47 29.75 4.05
N GLY B 158 -7.37 30.34 3.54
CA GLY B 158 -6.34 30.98 4.35
C GLY B 158 -5.91 30.20 5.57
N THR B 159 -4.86 29.39 5.43
CA THR B 159 -4.47 28.43 6.45
C THR B 159 -2.98 28.17 6.37
N THR B 160 -2.35 28.06 7.53
CA THR B 160 -0.92 27.80 7.62
C THR B 160 -0.61 26.47 8.29
N ASN B 161 -1.63 25.77 8.83
CA ASN B 161 -1.41 24.49 9.46
C ASN B 161 -0.83 23.47 8.47
N GLN B 162 0.33 22.92 8.80
CA GLN B 162 1.04 22.04 7.88
C GLN B 162 0.21 20.81 7.54
N ALA B 163 -0.31 20.13 8.57
CA ALA B 163 -1.04 18.88 8.31
C ALA B 163 -2.24 19.12 7.40
N VAL B 164 -2.90 20.28 7.55
CA VAL B 164 -4.12 20.55 6.81
C VAL B 164 -3.80 20.98 5.37
N LEU B 165 -2.82 21.87 5.21
CA LEU B 165 -2.30 22.16 3.87
C LEU B 165 -1.90 20.88 3.14
N ASP B 166 -1.15 20.00 3.82
CA ASP B 166 -0.73 18.75 3.22
C ASP B 166 -1.92 17.83 2.93
N HIS B 167 -2.91 17.79 3.83
CA HIS B 167 -4.07 16.94 3.58
C HIS B 167 -4.87 17.41 2.37
N VAL B 168 -5.22 18.70 2.34
CA VAL B 168 -6.01 19.20 1.23
C VAL B 168 -5.24 19.09 -0.08
N ARG B 169 -4.00 19.59 -0.08
CA ARG B 169 -3.25 19.72 -1.32
C ARG B 169 -2.87 18.37 -1.92
N TYR B 170 -2.61 17.35 -1.08
CA TYR B 170 -1.98 16.13 -1.58
C TYR B 170 -2.76 14.85 -1.35
N ASP B 171 -3.89 14.88 -0.64
CA ASP B 171 -4.61 13.65 -0.35
C ASP B 171 -5.98 13.58 -1.04
N SER B 172 -6.22 14.37 -2.09
CA SER B 172 -7.49 14.26 -2.79
C SER B 172 -7.30 14.05 -4.29
N GLY B 173 -6.12 13.57 -4.71
CA GLY B 173 -5.88 13.27 -6.10
C GLY B 173 -6.50 11.95 -6.54
N GLY B 174 -6.40 11.68 -7.83
CA GLY B 174 -6.81 10.39 -8.34
C GLY B 174 -8.28 10.27 -8.71
N HIS B 175 -9.06 11.35 -8.61
CA HIS B 175 -10.45 11.35 -9.04
C HIS B 175 -10.63 12.27 -10.24
N GLY B 176 -11.50 11.89 -11.16
CA GLY B 176 -11.80 12.69 -12.33
C GLY B 176 -13.14 13.35 -12.27
N PHE B 177 -13.67 13.66 -13.46
CA PHE B 177 -14.94 14.39 -13.54
C PHE B 177 -16.08 13.59 -12.93
N ASP B 178 -16.11 12.28 -13.18
CA ASP B 178 -17.15 11.43 -12.66
C ASP B 178 -17.36 11.65 -11.16
N MET B 179 -16.30 11.51 -10.37
CA MET B 179 -16.45 11.56 -8.92
C MET B 179 -16.56 12.99 -8.39
N TRP B 180 -15.86 13.95 -8.99
CA TRP B 180 -15.99 15.32 -8.49
C TRP B 180 -17.38 15.90 -8.78
N ALA B 181 -17.93 15.64 -9.98
CA ALA B 181 -19.30 16.06 -10.27
C ALA B 181 -20.30 15.38 -9.33
N ARG B 182 -20.11 14.08 -9.03
CA ARG B 182 -21.02 13.39 -8.14
C ARG B 182 -21.02 14.03 -6.74
N ALA B 183 -19.85 14.39 -6.23
CA ALA B 183 -19.81 15.10 -4.95
C ALA B 183 -20.66 16.35 -5.02
N GLY B 184 -20.46 17.16 -6.08
CA GLY B 184 -21.29 18.34 -6.22
C GLY B 184 -22.77 18.03 -6.21
N ARG B 185 -23.16 17.03 -7.02
CA ARG B 185 -24.56 16.68 -7.19
C ARG B 185 -25.17 16.15 -5.90
N VAL B 186 -24.45 15.29 -5.17
CA VAL B 186 -25.00 14.67 -3.97
C VAL B 186 -25.08 15.68 -2.83
N ILE B 187 -24.06 16.54 -2.70
CA ILE B 187 -24.08 17.53 -1.62
C ILE B 187 -25.18 18.55 -1.86
N ASP B 188 -25.26 19.11 -3.07
CA ASP B 188 -26.32 20.06 -3.38
C ASP B 188 -27.69 19.42 -3.16
N GLU B 189 -27.82 18.14 -3.50
CA GLU B 189 -29.09 17.45 -3.33
C GLU B 189 -29.48 17.32 -1.86
N ALA B 190 -28.50 17.11 -0.98
CA ALA B 190 -28.82 17.01 0.45
C ALA B 190 -29.37 18.32 0.97
N TYR B 191 -28.72 19.44 0.64
CA TYR B 191 -29.23 20.75 1.03
C TYR B 191 -30.58 21.05 0.39
N ARG B 192 -30.83 20.50 -0.82
CA ARG B 192 -32.11 20.70 -1.47
C ARG B 192 -33.20 19.86 -0.81
N THR B 193 -32.88 18.61 -0.42
CA THR B 193 -33.88 17.75 0.19
C THR B 193 -34.23 18.21 1.60
N TRP B 194 -33.22 18.63 2.39
CA TRP B 194 -33.38 18.88 3.81
C TRP B 194 -33.25 20.34 4.20
N GLY B 195 -32.85 21.22 3.30
CA GLY B 195 -32.60 22.59 3.72
C GLY B 195 -31.32 22.81 4.50
N SER B 196 -31.09 22.04 5.56
CA SER B 196 -29.89 22.17 6.38
C SER B 196 -29.66 20.86 7.11
N PRO B 197 -28.45 20.61 7.60
CA PRO B 197 -28.24 19.44 8.46
C PRO B 197 -29.01 19.51 9.77
N MET B 198 -29.29 20.72 10.26
CA MET B 198 -30.10 20.86 11.47
C MET B 198 -31.50 20.27 11.27
N ARG B 199 -32.15 20.66 10.16
CA ARG B 199 -33.44 20.07 9.81
C ARG B 199 -33.34 18.56 9.61
N ARG B 200 -32.23 18.08 9.04
CA ARG B 200 -32.07 16.63 8.85
C ARG B 200 -32.05 15.89 10.18
N MET B 201 -31.37 16.45 11.19
CA MET B 201 -31.32 15.80 12.50
C MET B 201 -32.68 15.80 13.17
N GLU B 202 -33.41 16.91 13.06
CA GLU B 202 -34.78 16.98 13.58
C GLU B 202 -35.67 15.89 13.00
N ALA B 203 -35.37 15.40 11.80
CA ALA B 203 -36.19 14.37 11.17
C ALA B 203 -35.81 12.96 11.59
N LEU B 204 -34.81 12.79 12.44
CA LEU B 204 -34.49 11.46 12.92
C LEU B 204 -35.65 10.95 13.78
N ALA B 205 -36.11 9.74 13.49
CA ALA B 205 -37.18 9.14 14.30
C ALA B 205 -36.76 9.01 15.76
N GLU B 206 -35.52 8.60 16.00
CA GLU B 206 -35.03 8.29 17.34
C GLU B 206 -33.66 8.91 17.51
N PRO B 207 -33.58 10.22 17.77
CA PRO B 207 -32.28 10.91 17.77
C PRO B 207 -31.34 10.37 18.85
N CYS B 208 -30.19 9.88 18.40
CA CYS B 208 -29.07 9.55 19.27
C CYS B 208 -28.35 10.83 19.69
N ALA B 209 -27.27 10.67 20.46
CA ALA B 209 -26.46 11.83 20.82
C ALA B 209 -25.62 12.28 19.63
N ILE B 210 -25.64 13.57 19.34
CA ILE B 210 -24.96 14.11 18.17
C ILE B 210 -24.13 15.31 18.59
N ARG B 211 -22.82 15.25 18.35
CA ARG B 211 -21.91 16.33 18.68
C ARG B 211 -21.25 16.84 17.42
N HIS B 212 -21.19 18.16 17.29
CA HIS B 212 -20.59 18.84 16.15
C HIS B 212 -19.35 19.60 16.61
N VAL B 213 -18.20 19.23 16.07
CA VAL B 213 -16.92 19.85 16.44
C VAL B 213 -16.42 20.67 15.27
N PHE B 214 -16.07 21.93 15.53
CA PHE B 214 -15.62 22.81 14.46
C PHE B 214 -14.74 23.92 15.02
N SER B 215 -14.02 24.58 14.12
CA SER B 215 -13.35 25.84 14.41
C SER B 215 -13.81 26.98 13.52
N HIS B 216 -14.53 26.68 12.45
CA HIS B 216 -14.93 27.68 11.48
C HIS B 216 -16.44 27.61 11.26
N PRO B 217 -16.94 28.64 10.61
CA PRO B 217 -18.35 28.97 10.67
C PRO B 217 -18.75 29.83 9.48
N GLU B 221 -23.08 34.97 14.84
CA GLU B 221 -24.42 34.40 14.77
C GLU B 221 -24.40 32.88 14.76
N TYR B 222 -23.25 32.29 14.37
CA TYR B 222 -23.16 30.83 14.19
C TYR B 222 -23.17 30.09 15.53
N ASP B 223 -22.52 30.65 16.56
CA ASP B 223 -22.60 30.03 17.87
C ASP B 223 -24.01 30.13 18.43
N ALA B 224 -24.63 31.30 18.27
CA ALA B 224 -26.03 31.48 18.68
C ALA B 224 -26.94 30.45 18.03
N LEU B 225 -26.72 30.20 16.73
CA LEU B 225 -27.44 29.15 16.02
C LEU B 225 -27.28 27.81 16.72
N HIS B 226 -26.06 27.47 17.15
CA HIS B 226 -25.85 26.20 17.83
C HIS B 226 -26.42 26.24 19.24
N ASP B 227 -26.36 27.39 19.91
CA ASP B 227 -26.95 27.52 21.24
C ASP B 227 -28.45 27.26 21.19
N ASP B 228 -29.14 27.96 20.29
CA ASP B 228 -30.57 27.76 20.13
C ASP B 228 -30.88 26.29 19.89
N PHE B 229 -30.26 25.68 18.88
CA PHE B 229 -30.56 24.29 18.55
C PHE B 229 -30.32 23.39 19.74
N ALA B 230 -29.27 23.66 20.52
CA ALA B 230 -28.99 22.85 21.70
C ALA B 230 -30.01 23.11 22.81
N ALA B 231 -30.49 24.35 22.92
CA ALA B 231 -31.53 24.64 23.91
C ALA B 231 -32.84 23.92 23.56
N ARG B 232 -33.14 23.79 22.26
CA ARG B 232 -34.34 23.06 21.85
C ARG B 232 -34.13 21.55 21.86
N HIS B 233 -32.89 21.08 21.90
CA HIS B 233 -32.60 19.65 21.71
C HIS B 233 -31.49 19.20 22.65
N PRO B 234 -31.85 18.58 23.78
CA PRO B 234 -30.83 18.09 24.71
C PRO B 234 -29.90 17.04 24.12
N TRP B 235 -30.31 16.33 23.06
CA TRP B 235 -29.42 15.32 22.48
C TRP B 235 -28.29 15.93 21.65
N PHE B 236 -28.26 17.24 21.49
CA PHE B 236 -27.28 17.91 20.65
C PHE B 236 -26.28 18.68 21.50
N SER B 237 -25.00 18.45 21.26
CA SER B 237 -23.93 19.25 21.84
C SER B 237 -23.00 19.72 20.73
N TYR B 238 -22.17 20.71 21.07
CA TYR B 238 -21.20 21.22 20.12
C TYR B 238 -20.00 21.77 20.89
N ARG B 239 -18.85 21.81 20.21
CA ARG B 239 -17.67 22.48 20.74
C ARG B 239 -17.00 23.26 19.62
N ARG B 240 -16.78 24.55 19.85
CA ARG B 240 -15.99 25.40 18.95
C ARG B 240 -14.54 25.41 19.43
N LEU B 241 -13.68 24.66 18.76
CA LEU B 241 -12.26 24.65 19.09
C LEU B 241 -11.57 25.93 18.61
N GLY B 242 -10.29 26.05 18.93
CA GLY B 242 -9.58 27.28 18.63
C GLY B 242 -8.69 27.16 17.41
N GLY B 243 -8.97 26.18 16.57
CA GLY B 243 -8.22 26.02 15.35
C GLY B 243 -8.53 27.12 14.34
N GLU B 244 -7.80 27.07 13.24
CA GLU B 244 -8.00 27.99 12.14
C GLU B 244 -8.60 27.32 10.90
N THR B 245 -8.75 26.00 10.90
CA THR B 245 -9.02 25.29 9.66
C THR B 245 -10.40 24.64 9.71
N HIS B 246 -10.85 24.24 8.52
CA HIS B 246 -12.06 23.43 8.36
C HIS B 246 -11.82 21.94 8.60
N PHE B 247 -10.69 21.55 9.16
CA PHE B 247 -10.35 20.15 9.33
C PHE B 247 -9.89 19.88 10.77
N PRO B 248 -10.79 20.01 11.74
CA PRO B 248 -10.40 19.80 13.14
C PRO B 248 -9.74 18.45 13.39
N GLY B 249 -10.21 17.40 12.71
CA GLY B 249 -9.64 16.09 12.93
C GLY B 249 -8.18 15.99 12.56
N ILE B 250 -7.72 16.86 11.66
CA ILE B 250 -6.32 16.87 11.23
C ILE B 250 -5.54 17.98 11.90
N GLU B 251 -6.16 19.13 12.10
CA GLU B 251 -5.50 20.23 12.80
C GLU B 251 -5.29 19.89 14.27
N LEU B 252 -6.32 19.36 14.93
CA LEU B 252 -6.31 19.15 16.37
C LEU B 252 -6.78 17.74 16.68
N PRO B 253 -6.00 16.72 16.28
CA PRO B 253 -6.51 15.34 16.40
C PRO B 253 -6.64 14.88 17.84
N GLN B 254 -5.75 15.32 18.73
CA GLN B 254 -5.87 14.97 20.14
C GLN B 254 -7.16 15.52 20.74
N GLN B 255 -7.43 16.81 20.53
CA GLN B 255 -8.63 17.42 21.09
C GLN B 255 -9.90 16.83 20.50
N VAL B 256 -9.88 16.47 19.22
CA VAL B 256 -11.10 15.97 18.58
C VAL B 256 -11.37 14.55 19.05
N ALA B 257 -10.33 13.71 19.10
CA ALA B 257 -10.52 12.36 19.60
C ALA B 257 -10.97 12.35 21.05
N ALA B 258 -10.54 13.33 21.86
CA ALA B 258 -11.01 13.41 23.24
C ALA B 258 -12.52 13.66 23.29
N GLU B 259 -12.99 14.63 22.51
CA GLU B 259 -14.44 14.87 22.41
C GLU B 259 -15.17 13.63 21.95
N ALA B 260 -14.58 12.87 21.02
CA ALA B 260 -15.18 11.59 20.61
C ALA B 260 -15.21 10.61 21.78
N ILE B 261 -14.13 10.55 22.56
CA ILE B 261 -14.06 9.67 23.72
C ILE B 261 -15.15 10.03 24.71
N ASP B 262 -15.27 11.32 25.02
CA ASP B 262 -16.31 11.79 25.95
C ASP B 262 -17.71 11.51 25.39
N LEU B 263 -17.91 11.77 24.10
CA LEU B 263 -19.21 11.49 23.47
C LEU B 263 -19.62 10.05 23.69
N LEU B 264 -18.72 9.11 23.41
CA LEU B 264 -18.99 7.69 23.59
C LEU B 264 -19.33 7.37 25.05
N ALA B 265 -18.52 7.88 25.98
CA ALA B 265 -18.77 7.62 27.40
C ALA B 265 -20.16 8.07 27.83
N GLY B 266 -20.50 9.31 27.52
CA GLY B 266 -21.84 9.83 27.77
C GLY B 266 -22.90 9.16 26.92
N ILE C 2 -1.36 4.59 -2.95
CA ILE C 2 -1.25 4.26 -4.38
C ILE C 2 -2.54 3.69 -4.99
N THR C 3 -2.87 4.16 -6.18
CA THR C 3 -4.15 3.90 -6.80
C THR C 3 -3.96 3.22 -8.14
N THR C 4 -5.04 2.61 -8.64
CA THR C 4 -5.00 1.88 -9.90
C THR C 4 -6.21 2.23 -10.74
N LYS C 5 -6.02 2.21 -12.06
CA LYS C 5 -7.11 2.29 -13.02
C LYS C 5 -6.85 1.29 -14.13
N THR C 6 -7.93 0.80 -14.73
CA THR C 6 -7.82 -0.01 -15.94
C THR C 6 -7.76 0.92 -17.14
N VAL C 7 -6.66 0.82 -17.88
CA VAL C 7 -6.41 1.58 -19.09
C VAL C 7 -5.97 0.58 -20.16
N ASN C 8 -6.62 0.61 -21.32
CA ASN C 8 -6.31 -0.31 -22.42
C ASN C 8 -6.31 -1.77 -21.95
N GLY C 9 -7.20 -2.10 -21.02
CA GLY C 9 -7.33 -3.46 -20.52
C GLY C 9 -6.28 -3.90 -19.55
N VAL C 10 -5.37 -3.01 -19.11
CA VAL C 10 -4.36 -3.38 -18.14
C VAL C 10 -4.44 -2.44 -16.95
N GLN C 11 -3.97 -2.92 -15.82
CA GLN C 11 -4.00 -2.15 -14.58
C GLN C 11 -2.81 -1.21 -14.54
N ILE C 12 -3.05 0.09 -14.45
CA ILE C 12 -1.98 1.08 -14.33
C ILE C 12 -2.02 1.65 -12.93
N ALA C 13 -0.94 1.42 -12.18
CA ALA C 13 -0.79 2.01 -10.86
C ALA C 13 -0.16 3.38 -10.98
N PHE C 14 -0.53 4.27 -10.07
CA PHE C 14 -0.14 5.66 -10.17
C PHE C 14 -0.47 6.31 -8.84
N ASP C 15 0.02 7.52 -8.63
CA ASP C 15 -0.52 8.29 -7.54
C ASP C 15 -0.45 9.77 -7.92
N ASP C 16 -1.41 10.52 -7.39
CA ASP C 16 -1.72 11.84 -7.92
C ASP C 16 -1.79 12.76 -6.72
N GLN C 17 -0.94 13.78 -6.69
CA GLN C 17 -0.85 14.65 -5.52
C GLN C 17 -0.71 16.08 -5.99
N GLY C 18 -1.35 16.98 -5.29
CA GLY C 18 -1.02 18.33 -5.65
C GLY C 18 -2.15 19.03 -6.37
N HIS C 19 -2.19 20.34 -6.19
CA HIS C 19 -3.21 21.16 -6.81
C HIS C 19 -2.56 22.53 -6.90
N GLU C 20 -2.23 22.93 -8.11
CA GLU C 20 -1.49 24.12 -8.48
C GLU C 20 -1.76 24.34 -9.95
N PRO C 21 -2.07 25.57 -10.35
CA PRO C 21 -2.33 25.83 -11.77
C PRO C 21 -1.08 25.59 -12.61
N GLY C 22 -1.30 25.17 -13.85
CA GLY C 22 -0.23 25.02 -14.79
C GLY C 22 0.05 23.57 -15.13
N PRO C 23 1.09 23.33 -15.93
CA PRO C 23 1.39 21.95 -16.34
C PRO C 23 1.59 21.00 -15.16
N VAL C 24 1.29 19.74 -15.40
CA VAL C 24 1.38 18.68 -14.41
C VAL C 24 2.69 17.94 -14.64
N PHE C 25 3.44 17.68 -13.55
CA PHE C 25 4.59 16.79 -13.64
C PHE C 25 4.12 15.33 -13.68
N VAL C 26 4.70 14.54 -14.57
CA VAL C 26 4.33 13.13 -14.73
C VAL C 26 5.62 12.32 -14.66
N THR C 27 5.85 11.62 -13.55
CA THR C 27 7.09 10.88 -13.47
C THR C 27 6.92 9.51 -14.12
N LEU C 28 7.98 9.08 -14.79
CA LEU C 28 8.06 7.83 -15.51
C LEU C 28 9.36 7.16 -15.10
N SER C 29 9.28 5.91 -14.67
CA SER C 29 10.45 5.18 -14.21
C SER C 29 11.12 4.47 -15.38
N GLY C 30 12.27 3.87 -15.10
CA GLY C 30 12.88 2.97 -16.05
C GLY C 30 12.19 1.62 -16.04
N TRP C 31 12.83 0.66 -16.68
CA TRP C 31 12.32 -0.71 -16.65
C TRP C 31 12.58 -1.34 -15.29
N ALA C 32 11.66 -2.21 -14.88
CA ALA C 32 11.75 -3.01 -13.65
C ALA C 32 11.75 -2.18 -12.38
N HIS C 33 11.39 -0.89 -12.43
CA HIS C 33 11.22 -0.03 -11.27
C HIS C 33 9.79 0.53 -11.29
N ASP C 34 9.33 1.03 -10.14
CA ASP C 34 8.02 1.65 -10.07
C ASP C 34 8.13 3.11 -9.61
N LEU C 35 7.06 3.67 -9.04
CA LEU C 35 7.09 5.10 -8.76
C LEU C 35 7.94 5.45 -7.54
N ARG C 36 8.43 4.45 -6.81
CA ARG C 36 9.30 4.73 -5.67
C ARG C 36 10.64 5.30 -6.11
N ALA C 37 11.00 5.10 -7.39
CA ALA C 37 12.14 5.81 -7.97
C ALA C 37 12.01 7.33 -7.82
N TYR C 38 10.84 7.84 -7.42
CA TYR C 38 10.63 9.28 -7.27
C TYR C 38 10.18 9.68 -5.87
N ASP C 39 10.26 8.76 -4.89
CA ASP C 39 9.99 9.13 -3.51
C ASP C 39 10.82 10.33 -3.09
N GLY C 40 12.10 10.37 -3.46
CA GLY C 40 12.96 11.46 -3.04
C GLY C 40 12.59 12.78 -3.71
N MET C 41 12.22 12.72 -4.99
CA MET C 41 11.89 13.93 -5.72
C MET C 41 10.50 14.46 -5.37
N LEU C 42 9.61 13.58 -4.90
CA LEU C 42 8.20 13.91 -4.76
C LEU C 42 7.93 15.14 -3.91
N PRO C 43 8.51 15.30 -2.70
CA PRO C 43 8.19 16.49 -1.91
C PRO C 43 8.46 17.79 -2.64
N TYR C 44 9.51 17.85 -3.45
CA TYR C 44 9.83 19.07 -4.18
C TYR C 44 8.95 19.25 -5.41
N LEU C 45 8.65 18.16 -6.12
CA LEU C 45 7.79 18.28 -7.30
C LEU C 45 6.38 18.71 -6.91
N ARG C 46 5.78 18.08 -5.90
CA ARG C 46 4.37 18.35 -5.60
C ARG C 46 4.17 19.72 -4.97
N ALA C 47 5.20 20.28 -4.31
CA ALA C 47 5.10 21.65 -3.81
C ALA C 47 5.05 22.65 -4.95
N ALA C 48 5.64 22.32 -6.09
CA ALA C 48 5.66 23.23 -7.25
C ALA C 48 4.43 23.06 -8.14
N GLN C 49 4.08 21.83 -8.50
CA GLN C 49 2.98 21.57 -9.44
C GLN C 49 2.29 20.27 -9.06
N ARG C 50 1.05 20.13 -9.52
CA ARG C 50 0.39 18.84 -9.41
C ARG C 50 1.26 17.76 -10.05
N THR C 51 1.43 16.63 -9.35
CA THR C 51 2.38 15.61 -9.76
C THR C 51 1.67 14.26 -9.82
N VAL C 52 1.73 13.61 -10.98
CA VAL C 52 1.17 12.28 -11.18
C VAL C 52 2.35 11.34 -11.46
N ARG C 53 2.62 10.42 -10.52
CA ARG C 53 3.64 9.38 -10.72
C ARG C 53 2.97 8.14 -11.30
N VAL C 54 3.56 7.60 -12.35
CA VAL C 54 2.91 6.58 -13.19
C VAL C 54 3.78 5.34 -13.25
N CYS C 55 3.17 4.17 -13.10
CA CYS C 55 3.86 2.90 -13.33
C CYS C 55 3.52 2.39 -14.71
N TRP C 56 4.44 1.60 -15.27
CA TRP C 56 4.18 0.86 -16.48
C TRP C 56 3.30 -0.34 -16.18
N ARG C 57 2.62 -0.83 -17.22
CA ARG C 57 1.91 -2.10 -17.08
C ARG C 57 2.86 -3.19 -16.63
N GLY C 58 2.35 -4.11 -15.81
CA GLY C 58 3.16 -5.12 -15.19
C GLY C 58 4.09 -4.65 -14.08
N HIS C 59 4.17 -3.33 -13.83
CA HIS C 59 5.10 -2.80 -12.82
C HIS C 59 4.44 -2.33 -11.52
N GLY C 60 3.12 -2.32 -11.45
CA GLY C 60 2.46 -1.94 -10.23
C GLY C 60 2.43 -3.06 -9.19
N PRO C 61 1.59 -2.88 -8.17
CA PRO C 61 1.43 -3.94 -7.17
C PRO C 61 1.04 -5.29 -7.75
N ASP C 62 0.26 -5.34 -8.83
CA ASP C 62 -0.10 -6.60 -9.47
C ASP C 62 1.04 -7.07 -10.37
N ARG C 63 1.75 -8.11 -9.94
CA ARG C 63 2.93 -8.58 -10.65
C ARG C 63 2.65 -9.84 -11.47
N ASN C 64 1.40 -10.10 -11.81
CA ASN C 64 1.11 -11.13 -12.79
C ASN C 64 1.80 -10.79 -14.10
N LEU C 65 2.18 -11.81 -14.83
CA LEU C 65 2.74 -11.59 -16.15
C LEU C 65 1.67 -11.03 -17.07
N VAL C 66 1.99 -9.95 -17.77
CA VAL C 66 1.14 -9.43 -18.80
C VAL C 66 1.76 -9.85 -20.13
N GLY C 67 0.97 -9.76 -21.19
CA GLY C 67 1.51 -10.07 -22.51
C GLY C 67 2.62 -9.12 -22.91
N ASP C 68 3.30 -9.51 -23.99
CA ASP C 68 4.39 -8.71 -24.52
C ASP C 68 3.94 -7.30 -24.86
N PHE C 69 4.82 -6.35 -24.63
CA PHE C 69 4.55 -4.95 -24.92
C PHE C 69 5.87 -4.24 -25.08
N GLY C 70 5.81 -3.03 -25.60
CA GLY C 70 6.99 -2.20 -25.82
C GLY C 70 6.64 -0.72 -25.65
N ILE C 71 7.42 0.14 -26.32
CA ILE C 71 7.30 1.58 -26.11
C ILE C 71 5.92 2.09 -26.49
N ASP C 72 5.33 1.53 -27.55
CA ASP C 72 4.01 1.99 -28.00
C ASP C 72 2.95 1.82 -26.93
N GLU C 73 2.96 0.68 -26.23
CA GLU C 73 2.01 0.46 -25.14
C GLU C 73 2.33 1.35 -23.94
N MET C 74 3.62 1.48 -23.61
CA MET C 74 3.98 2.31 -22.48
C MET C 74 3.47 3.74 -22.68
N ALA C 75 3.61 4.26 -23.90
CA ALA C 75 3.13 5.60 -24.20
C ALA C 75 1.60 5.68 -24.14
N ALA C 76 0.92 4.71 -24.76
CA ALA C 76 -0.55 4.75 -24.85
C ALA C 76 -1.21 4.53 -23.48
N ASP C 77 -0.66 3.63 -22.66
CA ASP C 77 -1.18 3.44 -21.30
C ASP C 77 -1.11 4.74 -20.51
N THR C 78 0.05 5.40 -20.57
CA THR C 78 0.23 6.65 -19.81
C THR C 78 -0.72 7.73 -20.30
N ILE C 79 -0.79 7.92 -21.61
CA ILE C 79 -1.70 8.91 -22.18
C ILE C 79 -3.13 8.59 -21.79
N GLY C 80 -3.51 7.31 -21.86
CA GLY C 80 -4.86 6.93 -21.44
C GLY C 80 -5.14 7.27 -19.99
N LEU C 81 -4.17 7.04 -19.11
CA LEU C 81 -4.37 7.37 -17.71
C LEU C 81 -4.60 8.86 -17.52
N LEU C 82 -3.77 9.68 -18.18
CA LEU C 82 -3.90 11.12 -18.02
C LEU C 82 -5.18 11.64 -18.66
N ASP C 83 -5.60 11.04 -19.78
CA ASP C 83 -6.90 11.40 -20.36
C ASP C 83 -8.03 11.10 -19.38
N ALA C 84 -7.97 9.95 -18.69
CA ALA C 84 -9.03 9.59 -17.76
C ALA C 84 -9.09 10.55 -16.58
N LEU C 85 -7.95 11.08 -16.16
CA LEU C 85 -7.89 12.11 -15.12
C LEU C 85 -8.16 13.52 -15.67
N GLU C 86 -8.25 13.66 -16.99
CA GLU C 86 -8.40 14.96 -17.67
C GLU C 86 -7.25 15.91 -17.33
N VAL C 87 -6.04 15.35 -17.28
CA VAL C 87 -4.85 16.19 -17.23
C VAL C 87 -4.72 16.90 -18.58
N ASP C 88 -4.54 18.21 -18.54
CA ASP C 88 -4.31 18.93 -19.78
C ASP C 88 -2.83 18.85 -20.16
N SER C 89 -2.10 19.97 -20.04
CA SER C 89 -0.70 19.92 -20.43
C SER C 89 0.16 19.35 -19.29
N PHE C 90 1.24 18.68 -19.67
CA PHE C 90 2.03 18.00 -18.65
C PHE C 90 3.47 17.84 -19.12
N VAL C 91 4.36 17.72 -18.12
CA VAL C 91 5.79 17.58 -18.34
C VAL C 91 6.28 16.21 -17.86
N PRO C 92 6.59 15.28 -18.74
CA PRO C 92 7.14 14.01 -18.30
C PRO C 92 8.57 14.16 -17.75
N ILE C 93 8.82 13.48 -16.63
CA ILE C 93 10.15 13.30 -16.07
C ILE C 93 10.42 11.80 -16.12
N ALA C 94 11.35 11.38 -16.97
CA ALA C 94 11.53 9.97 -17.27
C ALA C 94 12.96 9.54 -16.92
N HIS C 95 13.08 8.41 -16.24
CA HIS C 95 14.37 7.87 -15.86
C HIS C 95 14.87 6.89 -16.92
N ALA C 96 16.13 7.10 -17.34
CA ALA C 96 16.84 6.24 -18.29
C ALA C 96 15.97 5.86 -19.47
N HIS C 97 15.75 4.57 -19.69
CA HIS C 97 15.09 4.13 -20.89
C HIS C 97 13.56 4.24 -20.82
N GLY C 98 13.01 4.72 -19.70
CA GLY C 98 11.69 5.32 -19.76
C GLY C 98 11.62 6.55 -20.65
N GLY C 99 12.79 7.13 -20.99
CA GLY C 99 12.83 8.30 -21.85
C GLY C 99 12.41 8.04 -23.28
N TRP C 100 12.48 6.79 -23.75
CA TRP C 100 11.97 6.48 -25.08
C TRP C 100 10.45 6.66 -25.13
N ALA C 101 9.74 6.19 -24.10
CA ALA C 101 8.30 6.36 -24.01
C ALA C 101 7.91 7.82 -23.79
N ALA C 102 8.68 8.56 -22.97
CA ALA C 102 8.42 9.99 -22.82
C ALA C 102 8.50 10.72 -24.16
N LEU C 103 9.46 10.36 -25.02
CA LEU C 103 9.57 11.03 -26.31
C LEU C 103 8.43 10.63 -27.24
N GLU C 104 8.02 9.36 -27.19
CA GLU C 104 6.86 8.91 -27.96
C GLU C 104 5.59 9.64 -27.51
N ILE C 105 5.43 9.85 -26.20
CA ILE C 105 4.29 10.60 -25.69
C ILE C 105 4.33 12.03 -26.23
N ALA C 106 5.51 12.68 -26.16
CA ALA C 106 5.61 14.06 -26.64
C ALA C 106 5.36 14.14 -28.15
N ASP C 107 5.80 13.14 -28.91
CA ASP C 107 5.54 13.12 -30.34
C ASP C 107 4.07 12.94 -30.64
N ARG C 108 3.40 12.04 -29.92
CA ARG C 108 1.98 11.78 -30.18
C ARG C 108 1.12 13.00 -29.87
N LEU C 109 1.45 13.73 -28.81
CA LEU C 109 0.54 14.75 -28.32
C LEU C 109 0.92 16.16 -28.77
N GLY C 110 2.16 16.37 -29.22
CA GLY C 110 2.59 17.68 -29.65
C GLY C 110 2.89 18.62 -28.50
N ALA C 111 3.42 19.80 -28.89
CA ALA C 111 4.17 20.64 -27.98
C ALA C 111 3.30 21.52 -27.08
N GLN C 112 2.01 21.63 -27.32
CA GLN C 112 1.17 22.38 -26.39
C GLN C 112 0.62 21.50 -25.28
N ARG C 113 0.27 20.26 -25.59
CA ARG C 113 -0.09 19.32 -24.53
C ARG C 113 1.15 18.87 -23.75
N VAL C 114 2.29 18.71 -24.42
CA VAL C 114 3.53 18.36 -23.74
C VAL C 114 4.59 19.41 -24.04
N PRO C 115 4.63 20.50 -23.27
CA PRO C 115 5.55 21.60 -23.60
C PRO C 115 7.01 21.30 -23.28
N ALA C 116 7.29 20.31 -22.44
CA ALA C 116 8.67 20.01 -22.08
C ALA C 116 8.78 18.54 -21.70
N VAL C 117 9.98 18.00 -21.84
CA VAL C 117 10.31 16.66 -21.35
C VAL C 117 11.66 16.72 -20.66
N MET C 118 11.75 16.15 -19.46
CA MET C 118 13.01 15.92 -18.80
C MET C 118 13.35 14.43 -18.80
N ILE C 119 14.59 14.11 -19.18
CA ILE C 119 15.12 12.76 -19.19
C ILE C 119 16.32 12.69 -18.24
N LEU C 120 16.41 11.58 -17.50
CA LEU C 120 17.44 11.36 -16.47
C LEU C 120 18.31 10.19 -16.86
N ASP C 121 19.58 10.49 -17.19
CA ASP C 121 20.67 9.50 -17.38
C ASP C 121 20.30 8.45 -18.42
N LEU C 122 20.08 8.93 -19.65
CA LEU C 122 19.79 8.10 -20.80
C LEU C 122 20.94 8.22 -21.80
N ILE C 123 21.68 7.12 -22.00
CA ILE C 123 22.78 7.07 -22.98
C ILE C 123 22.36 7.70 -24.30
N MET C 124 22.93 8.86 -24.62
CA MET C 124 22.53 9.64 -25.80
C MET C 124 23.27 9.25 -27.07
N THR C 125 24.41 8.58 -26.95
CA THR C 125 25.17 8.10 -28.10
C THR C 125 24.48 6.85 -28.64
N PRO C 126 24.98 6.30 -29.76
CA PRO C 126 24.65 4.90 -30.06
C PRO C 126 25.09 3.99 -28.93
N ALA C 127 24.43 2.86 -28.81
CA ALA C 127 24.66 2.00 -27.67
C ALA C 127 26.09 1.44 -27.70
N PRO C 128 26.87 1.64 -26.65
CA PRO C 128 28.22 1.05 -26.62
C PRO C 128 28.18 -0.46 -26.73
N ARG C 129 29.31 -1.03 -27.17
CA ARG C 129 29.43 -2.48 -27.34
C ARG C 129 29.15 -3.22 -26.03
N GLU C 130 29.67 -2.71 -24.91
CA GLU C 130 29.45 -3.40 -23.64
C GLU C 130 28.00 -3.29 -23.19
N PHE C 131 27.32 -2.20 -23.54
CA PHE C 131 25.90 -2.07 -23.21
C PHE C 131 25.07 -3.07 -23.99
N VAL C 132 25.31 -3.16 -25.29
CA VAL C 132 24.62 -4.12 -26.16
C VAL C 132 24.83 -5.54 -25.65
N ALA C 133 26.05 -5.86 -25.22
CA ALA C 133 26.30 -7.19 -24.64
C ALA C 133 25.38 -7.44 -23.46
N ALA C 134 25.21 -6.43 -22.59
CA ALA C 134 24.34 -6.59 -21.43
C ALA C 134 22.87 -6.77 -21.83
N LEU C 135 22.42 -6.06 -22.86
CA LEU C 135 21.03 -6.19 -23.29
C LEU C 135 20.75 -7.57 -23.88
N HIS C 136 21.74 -8.18 -24.53
CA HIS C 136 21.57 -9.58 -24.92
C HIS C 136 21.71 -10.50 -23.71
N GLY C 137 22.61 -10.16 -22.79
CA GLY C 137 22.78 -10.97 -21.59
C GLY C 137 21.49 -11.19 -20.83
N ILE C 138 20.66 -10.14 -20.70
CA ILE C 138 19.44 -10.26 -19.89
C ILE C 138 18.28 -10.88 -20.65
N GLN C 139 18.48 -11.25 -21.92
CA GLN C 139 17.49 -12.04 -22.64
C GLN C 139 17.83 -13.53 -22.65
N ASP C 140 18.99 -13.89 -22.10
CA ASP C 140 19.41 -15.29 -22.00
C ASP C 140 18.72 -15.94 -20.80
N PRO C 141 17.91 -16.99 -21.01
CA PRO C 141 17.18 -17.58 -19.87
C PRO C 141 18.08 -18.11 -18.77
N GLU C 142 19.31 -18.49 -19.09
CA GLU C 142 20.15 -19.19 -18.13
C GLU C 142 21.05 -18.27 -17.32
N ARG C 143 21.40 -17.09 -17.86
CA ARG C 143 22.29 -16.18 -17.15
C ARG C 143 21.74 -14.75 -17.08
N TRP C 144 20.41 -14.58 -17.17
CA TRP C 144 19.85 -13.23 -17.14
C TRP C 144 20.17 -12.52 -15.83
N LYS C 145 20.20 -13.26 -14.71
CA LYS C 145 20.49 -12.62 -13.43
C LYS C 145 21.94 -12.17 -13.35
N GLU C 146 22.86 -12.87 -14.03
CA GLU C 146 24.22 -12.40 -14.15
C GLU C 146 24.28 -11.03 -14.81
N GLY C 147 23.61 -10.89 -15.96
CA GLY C 147 23.56 -9.61 -16.63
C GLY C 147 22.99 -8.49 -15.78
N ARG C 148 21.94 -8.80 -15.00
CA ARG C 148 21.40 -7.82 -14.05
C ARG C 148 22.49 -7.30 -13.13
N ASP C 149 23.17 -8.23 -12.44
CA ASP C 149 24.18 -7.84 -11.46
C ASP C 149 25.28 -7.01 -12.11
N GLY C 150 25.61 -7.31 -13.38
CA GLY C 150 26.61 -6.51 -14.06
C GLY C 150 26.16 -5.08 -14.25
N LEU C 151 24.91 -4.89 -14.70
CA LEU C 151 24.34 -3.56 -14.84
C LEU C 151 24.30 -2.84 -13.51
N VAL C 152 23.81 -3.52 -12.47
CA VAL C 152 23.65 -2.89 -11.16
C VAL C 152 24.96 -2.26 -10.70
N GLN C 153 26.04 -3.04 -10.73
CA GLN C 153 27.28 -2.54 -10.16
C GLN C 153 27.83 -1.41 -11.02
N SER C 154 27.65 -1.46 -12.33
CA SER C 154 27.93 -0.29 -13.16
C SER C 154 27.14 0.93 -12.68
N TRP C 155 25.83 0.76 -12.46
CA TRP C 155 24.96 1.87 -12.09
C TRP C 155 25.36 2.47 -10.75
N LEU C 156 25.85 1.64 -9.83
CA LEU C 156 26.16 2.10 -8.49
C LEU C 156 27.54 2.73 -8.38
N ALA C 157 28.48 2.32 -9.23
CA ALA C 157 29.89 2.69 -9.12
C ALA C 157 30.28 2.43 -7.65
N GLY C 158 31.03 3.32 -7.03
CA GLY C 158 31.30 3.07 -5.63
C GLY C 158 30.49 3.99 -4.77
N THR C 159 29.17 3.93 -4.89
CA THR C 159 28.36 4.87 -4.13
C THR C 159 28.17 4.37 -2.70
N THR C 160 28.08 5.31 -1.78
CA THR C 160 27.63 5.04 -0.43
C THR C 160 26.31 5.71 -0.13
N ASN C 161 25.71 6.38 -1.11
CA ASN C 161 24.40 7.00 -0.96
C ASN C 161 23.35 5.94 -0.64
N GLN C 162 22.74 6.06 0.55
CA GLN C 162 21.87 5.01 1.05
C GLN C 162 20.53 4.96 0.32
N ALA C 163 20.01 6.11 -0.14
CA ALA C 163 18.76 6.06 -0.90
C ALA C 163 18.94 5.28 -2.19
N VAL C 164 20.08 5.46 -2.86
CA VAL C 164 20.31 4.69 -4.08
C VAL C 164 20.51 3.22 -3.76
N LEU C 165 21.35 2.93 -2.75
CA LEU C 165 21.63 1.54 -2.40
C LEU C 165 20.37 0.80 -1.96
N ASP C 166 19.53 1.44 -1.16
CA ASP C 166 18.28 0.81 -0.74
C ASP C 166 17.34 0.61 -1.91
N HIS C 167 17.26 1.61 -2.81
CA HIS C 167 16.38 1.48 -3.96
C HIS C 167 16.73 0.25 -4.79
N VAL C 168 18.03 0.03 -5.03
CA VAL C 168 18.41 -1.00 -5.98
C VAL C 168 18.43 -2.38 -5.32
N ARG C 169 18.70 -2.43 -4.02
CA ARG C 169 18.79 -3.66 -3.25
C ARG C 169 17.44 -4.15 -2.76
N TYR C 170 16.54 -3.24 -2.40
CA TYR C 170 15.41 -3.60 -1.57
C TYR C 170 14.08 -3.19 -2.18
N ASP C 171 14.06 -2.13 -2.97
CA ASP C 171 12.82 -1.54 -3.45
C ASP C 171 12.51 -1.88 -4.90
N SER C 172 13.22 -2.85 -5.50
CA SER C 172 13.02 -3.17 -6.90
C SER C 172 12.79 -4.66 -7.15
N GLY C 173 12.40 -5.42 -6.14
CA GLY C 173 12.17 -6.83 -6.33
C GLY C 173 10.85 -7.13 -7.04
N GLY C 174 10.56 -8.42 -7.16
CA GLY C 174 9.31 -8.88 -7.71
C GLY C 174 9.26 -8.96 -9.22
N HIS C 175 10.37 -8.72 -9.91
CA HIS C 175 10.49 -8.96 -11.35
C HIS C 175 11.46 -10.10 -11.59
N GLY C 176 11.31 -10.74 -12.74
CA GLY C 176 12.19 -11.83 -13.10
C GLY C 176 12.60 -11.84 -14.56
N PHE C 177 12.67 -13.03 -15.16
CA PHE C 177 13.20 -13.14 -16.51
C PHE C 177 12.26 -12.51 -17.55
N ASP C 178 10.95 -12.67 -17.37
CA ASP C 178 9.99 -12.13 -18.32
C ASP C 178 10.21 -10.63 -18.53
N MET C 179 10.32 -9.87 -17.44
CA MET C 179 10.40 -8.41 -17.56
C MET C 179 11.80 -7.97 -17.94
N TRP C 180 12.81 -8.57 -17.33
CA TRP C 180 14.19 -8.20 -17.65
C TRP C 180 14.54 -8.54 -19.09
N ALA C 181 14.01 -9.64 -19.63
CA ALA C 181 14.23 -9.95 -21.03
C ALA C 181 13.50 -8.96 -21.93
N ARG C 182 12.28 -8.56 -21.53
CA ARG C 182 11.55 -7.57 -22.32
C ARG C 182 12.31 -6.25 -22.38
N ALA C 183 12.85 -5.82 -21.23
CA ALA C 183 13.66 -4.62 -21.20
C ALA C 183 14.82 -4.71 -22.19
N GLY C 184 15.55 -5.84 -22.15
CA GLY C 184 16.62 -6.05 -23.11
C GLY C 184 16.14 -5.96 -24.55
N ARG C 185 15.05 -6.66 -24.86
CA ARG C 185 14.52 -6.65 -26.22
C ARG C 185 14.17 -5.23 -26.66
N VAL C 186 13.46 -4.50 -25.81
CA VAL C 186 12.86 -3.24 -26.25
C VAL C 186 13.91 -2.16 -26.36
N ILE C 187 14.81 -2.07 -25.37
CA ILE C 187 15.88 -1.08 -25.42
C ILE C 187 16.79 -1.34 -26.60
N ASP C 188 17.20 -2.59 -26.80
CA ASP C 188 18.04 -2.95 -27.94
C ASP C 188 17.38 -2.55 -29.26
N GLU C 189 16.08 -2.85 -29.39
CA GLU C 189 15.36 -2.51 -30.62
C GLU C 189 15.25 -1.01 -30.81
N ALA C 190 15.12 -0.24 -29.73
CA ALA C 190 15.08 1.22 -29.85
C ALA C 190 16.38 1.78 -30.42
N TYR C 191 17.52 1.27 -29.96
CA TYR C 191 18.80 1.71 -30.50
C TYR C 191 19.00 1.24 -31.93
N ARG C 192 18.61 0.00 -32.25
CA ARG C 192 18.70 -0.45 -33.63
C ARG C 192 17.77 0.32 -34.55
N THR C 193 16.59 0.71 -34.06
CA THR C 193 15.61 1.40 -34.90
C THR C 193 15.97 2.87 -35.11
N TRP C 194 16.42 3.55 -34.06
CA TRP C 194 16.66 4.98 -34.10
C TRP C 194 18.12 5.37 -34.12
N GLY C 195 19.02 4.44 -33.84
CA GLY C 195 20.44 4.77 -33.67
C GLY C 195 20.76 5.30 -32.29
N SER C 196 20.03 6.30 -31.83
CA SER C 196 20.31 6.91 -30.54
C SER C 196 19.13 7.76 -30.13
N PRO C 197 18.96 8.01 -28.83
CA PRO C 197 17.90 8.94 -28.42
C PRO C 197 18.03 10.30 -29.08
N MET C 198 19.24 10.73 -29.41
CA MET C 198 19.39 12.05 -30.03
C MET C 198 18.82 12.07 -31.44
N ARG C 199 19.04 11.02 -32.22
CA ARG C 199 18.36 10.92 -33.50
C ARG C 199 16.86 10.82 -33.30
N ARG C 200 16.43 10.10 -32.27
CA ARG C 200 15.00 10.04 -31.98
C ARG C 200 14.44 11.43 -31.74
N MET C 201 15.18 12.28 -31.03
CA MET C 201 14.71 13.63 -30.76
C MET C 201 14.64 14.48 -32.03
N GLU C 202 15.58 14.28 -32.96
CA GLU C 202 15.55 15.05 -34.19
C GLU C 202 14.42 14.61 -35.12
N ALA C 203 13.91 13.39 -34.93
CA ALA C 203 12.79 12.91 -35.73
C ALA C 203 11.45 13.46 -35.25
N LEU C 204 11.40 14.17 -34.13
CA LEU C 204 10.12 14.70 -33.66
C LEU C 204 9.60 15.76 -34.62
N ALA C 205 8.30 15.70 -34.92
CA ALA C 205 7.70 16.66 -35.84
C ALA C 205 7.90 18.07 -35.33
N GLU C 206 7.44 18.35 -34.12
CA GLU C 206 7.71 19.63 -33.47
C GLU C 206 8.35 19.34 -32.12
N PRO C 207 9.68 19.48 -32.00
CA PRO C 207 10.32 19.21 -30.71
C PRO C 207 9.87 20.21 -29.67
N CYS C 208 9.51 19.71 -28.48
CA CYS C 208 9.27 20.57 -27.33
C CYS C 208 10.62 20.87 -26.66
N ALA C 209 10.58 21.59 -25.53
CA ALA C 209 11.78 21.77 -24.73
C ALA C 209 12.17 20.44 -24.10
N ILE C 210 13.40 19.98 -24.37
CA ILE C 210 13.88 18.71 -23.87
C ILE C 210 15.18 18.97 -23.14
N ARG C 211 15.25 18.52 -21.90
CA ARG C 211 16.42 18.66 -21.05
C ARG C 211 16.92 17.29 -20.61
N HIS C 212 18.23 17.07 -20.72
CA HIS C 212 18.86 15.84 -20.27
C HIS C 212 19.73 16.14 -19.07
N VAL C 213 19.47 15.45 -17.97
CA VAL C 213 20.23 15.60 -16.75
C VAL C 213 20.82 14.24 -16.43
N PHE C 214 22.13 14.21 -16.19
CA PHE C 214 22.83 12.93 -16.07
C PHE C 214 24.06 13.09 -15.20
N SER C 215 24.51 11.97 -14.67
CA SER C 215 25.75 11.87 -13.96
C SER C 215 26.76 10.94 -14.60
N HIS C 216 26.35 10.05 -15.51
CA HIS C 216 27.14 8.84 -15.42
C HIS C 216 28.18 8.48 -16.45
N PRO C 217 27.94 8.56 -17.76
CA PRO C 217 29.11 8.42 -18.63
C PRO C 217 30.09 9.48 -18.15
N LYS C 218 31.36 9.09 -17.98
CA LYS C 218 32.37 10.00 -17.45
C LYS C 218 32.43 11.32 -18.22
N ILE C 219 32.95 12.37 -17.58
CA ILE C 219 33.13 13.65 -18.26
C ILE C 219 34.04 13.50 -19.47
N GLY C 220 33.77 14.31 -20.50
CA GLY C 220 34.64 14.37 -21.66
C GLY C 220 33.90 14.49 -22.98
N GLU C 221 34.12 13.49 -23.85
CA GLU C 221 33.48 13.48 -25.17
C GLU C 221 31.95 13.47 -25.07
N TYR C 222 31.39 12.95 -23.97
CA TYR C 222 29.94 12.91 -23.83
C TYR C 222 29.36 14.31 -23.70
N ASP C 223 30.04 15.16 -22.92
CA ASP C 223 29.62 16.55 -22.80
C ASP C 223 29.79 17.30 -24.12
N ALA C 224 30.89 17.05 -24.84
CA ALA C 224 31.09 17.67 -26.14
C ALA C 224 29.96 17.34 -27.09
N LEU C 225 29.53 16.07 -27.10
CA LEU C 225 28.37 15.67 -27.89
C LEU C 225 27.13 16.45 -27.49
N HIS C 226 26.93 16.68 -26.19
CA HIS C 226 25.79 17.47 -25.75
C HIS C 226 25.94 18.95 -26.14
N ASP C 227 27.14 19.51 -26.00
CA ASP C 227 27.37 20.88 -26.45
C ASP C 227 27.00 21.03 -27.92
N ASP C 228 27.45 20.09 -28.74
CA ASP C 228 27.15 20.17 -30.16
C ASP C 228 25.65 20.05 -30.43
N PHE C 229 24.97 19.16 -29.70
CA PHE C 229 23.53 19.00 -29.91
C PHE C 229 22.78 20.27 -29.51
N ALA C 230 23.15 20.85 -28.38
CA ALA C 230 22.50 22.06 -27.91
C ALA C 230 22.80 23.26 -28.81
N ALA C 231 24.00 23.30 -29.40
CA ALA C 231 24.32 24.39 -30.32
C ALA C 231 23.45 24.32 -31.57
N ARG C 232 23.19 23.12 -32.06
CA ARG C 232 22.35 22.94 -33.22
C ARG C 232 20.86 23.03 -32.93
N HIS C 233 20.43 22.77 -31.69
CA HIS C 233 18.99 22.65 -31.39
C HIS C 233 18.64 23.50 -30.18
N PRO C 234 18.09 24.70 -30.39
CA PRO C 234 17.73 25.54 -29.22
C PRO C 234 16.71 24.90 -28.30
N TRP C 235 15.90 23.97 -28.78
CA TRP C 235 14.94 23.34 -27.89
C TRP C 235 15.59 22.36 -26.92
N PHE C 236 16.86 22.02 -27.11
CA PHE C 236 17.53 21.04 -26.26
C PHE C 236 18.36 21.72 -25.18
N SER C 237 18.43 21.11 -24.02
CA SER C 237 19.33 21.58 -22.98
C SER C 237 19.79 20.37 -22.17
N TYR C 238 20.82 20.57 -21.37
CA TYR C 238 21.38 19.45 -20.64
C TYR C 238 22.11 19.98 -19.41
N ARG C 239 22.25 19.09 -18.41
CA ARG C 239 23.04 19.40 -17.23
C ARG C 239 23.75 18.14 -16.76
N ARG C 240 25.08 18.21 -16.72
CA ARG C 240 25.85 17.19 -16.02
C ARG C 240 25.78 17.47 -14.52
N LEU C 241 25.41 16.46 -13.75
CA LEU C 241 25.39 16.60 -12.31
C LEU C 241 26.61 15.91 -11.72
N GLY C 242 26.92 16.25 -10.47
CA GLY C 242 28.12 15.76 -9.84
C GLY C 242 27.94 14.49 -9.05
N GLY C 243 26.99 13.64 -9.43
CA GLY C 243 26.70 12.45 -8.67
C GLY C 243 27.57 11.26 -9.07
N GLU C 244 27.46 10.21 -8.27
CA GLU C 244 28.23 8.99 -8.50
C GLU C 244 27.46 7.92 -9.28
N THR C 245 26.13 8.02 -9.38
CA THR C 245 25.33 6.90 -9.82
C THR C 245 24.54 7.21 -11.09
N HIS C 246 23.98 6.14 -11.65
CA HIS C 246 23.01 6.13 -12.74
C HIS C 246 21.62 6.63 -12.32
N PHE C 247 21.42 7.06 -11.07
CA PHE C 247 20.09 7.45 -10.58
C PHE C 247 20.10 8.87 -10.04
N PRO C 248 20.29 9.86 -10.91
CA PRO C 248 20.34 11.26 -10.42
C PRO C 248 19.09 11.66 -9.66
N GLY C 249 17.90 11.17 -10.06
CA GLY C 249 16.69 11.52 -9.33
C GLY C 249 16.66 10.99 -7.92
N ILE C 250 17.32 9.87 -7.67
CA ILE C 250 17.33 9.29 -6.32
C ILE C 250 18.52 9.82 -5.53
N GLU C 251 19.66 10.01 -6.21
CA GLU C 251 20.87 10.48 -5.55
C GLU C 251 20.82 11.96 -5.21
N LEU C 252 20.33 12.80 -6.13
CA LEU C 252 20.29 14.25 -5.92
C LEU C 252 18.88 14.75 -6.22
N PRO C 253 17.91 14.38 -5.38
CA PRO C 253 16.51 14.69 -5.73
C PRO C 253 16.22 16.17 -5.72
N GLN C 254 16.80 16.91 -4.78
CA GLN C 254 16.57 18.34 -4.68
C GLN C 254 17.05 19.07 -5.93
N GLN C 255 18.24 18.71 -6.45
CA GLN C 255 18.75 19.35 -7.65
C GLN C 255 17.95 18.97 -8.90
N VAL C 256 17.62 17.69 -9.05
CA VAL C 256 16.89 17.25 -10.24
C VAL C 256 15.50 17.92 -10.28
N ALA C 257 14.84 18.02 -9.14
CA ALA C 257 13.53 18.67 -9.09
C ALA C 257 13.65 20.15 -9.44
N ALA C 258 14.69 20.83 -8.93
CA ALA C 258 14.90 22.23 -9.30
C ALA C 258 15.13 22.38 -10.81
N GLU C 259 15.87 21.45 -11.41
CA GLU C 259 16.01 21.45 -12.86
C GLU C 259 14.66 21.29 -13.57
N ALA C 260 13.83 20.36 -13.10
CA ALA C 260 12.52 20.15 -13.72
C ALA C 260 11.66 21.39 -13.59
N ILE C 261 11.63 22.00 -12.41
CA ILE C 261 10.87 23.22 -12.20
C ILE C 261 11.37 24.33 -13.11
N ASP C 262 12.69 24.43 -13.27
CA ASP C 262 13.26 25.45 -14.16
C ASP C 262 12.91 25.20 -15.63
N LEU C 263 13.01 23.95 -16.08
CA LEU C 263 12.57 23.61 -17.43
C LEU C 263 11.11 24.01 -17.66
N LEU C 264 10.24 23.76 -16.68
CA LEU C 264 8.82 24.08 -16.81
C LEU C 264 8.60 25.58 -16.96
N ALA C 265 9.22 26.37 -16.08
CA ALA C 265 9.05 27.81 -16.13
C ALA C 265 9.51 28.39 -17.47
N GLY C 266 10.58 27.82 -18.05
CA GLY C 266 11.07 28.30 -19.34
C GLY C 266 10.15 27.97 -20.49
N ALA C 267 9.31 26.97 -20.34
CA ALA C 267 8.30 26.64 -21.33
C ALA C 267 6.96 27.19 -20.85
#